data_4IJ1
#
_entry.id   4IJ1
#
_cell.length_a   94.799
_cell.length_b   78.050
_cell.length_c   101.973
_cell.angle_alpha   90.00
_cell.angle_beta   111.00
_cell.angle_gamma   90.00
#
_symmetry.space_group_name_H-M   'C 1 2 1'
#
loop_
_entity.id
_entity.type
_entity.pdbx_description
1 polymer 'Anthranilate phosphoribosyltransferase'
2 non-polymer "2,2'-iminodibenzoic acid"
3 non-polymer GLYCEROL
4 non-polymer IMIDAZOLE
5 water water
#
_entity_poly.entity_id   1
_entity_poly.type   'polypeptide(L)'
_entity_poly.pdbx_seq_one_letter_code
;MVALSAEGSSGGSRGGSPKAEAASVPSWPQILGRLTDNRDLARGQAAWAMDQIMTGNARPAQIAAFAVAMTMKAPTADEV
GELAGVMLSHAHPLPADTVPDDAVDVVGTGGDGVNTVNLSTMAAIVVAAAGVPVVKHGNRAASSLSGGADTLEALGVRID
LGPDLVARSLAEVGIGFCFAPRFHPSYRHAAAVRREIGVPTVFNLLGPLTNPARPRAGLIGCAFADLAEVMAGVFAARRS
SVLVVHGDDGLDELTTTTTSTIWRVAAGSVDKLTFDPAGFGFARAQLDQLAGGDAQANAAAVRAVLGGARGPVRDAVVLN
AAGAIVAHAGLSSRAEWLPAWEEGLRRASAAIDTGAAEQLLARWVRFGRQILEHHHHHHH
;
_entity_poly.pdbx_strand_id   A,B
#
# COMPACT_ATOMS: atom_id res chain seq x y z
N PRO A 26 3.08 16.81 11.46
CA PRO A 26 3.17 15.73 10.47
C PRO A 26 3.52 14.40 11.12
N SER A 27 2.93 13.31 10.64
CA SER A 27 3.24 12.00 11.18
C SER A 27 2.93 10.95 10.13
N TRP A 28 3.51 9.77 10.27
CA TRP A 28 3.21 8.69 9.33
C TRP A 28 1.74 8.26 9.34
N PRO A 29 1.13 8.12 10.54
CA PRO A 29 -0.27 7.69 10.46
C PRO A 29 -1.19 8.76 9.86
N GLN A 30 -0.85 10.02 10.01
CA GLN A 30 -1.66 11.09 9.44
C GLN A 30 -1.54 11.08 7.91
N ILE A 31 -0.32 10.99 7.43
CA ILE A 31 -0.08 10.96 5.98
C ILE A 31 -0.62 9.69 5.32
N LEU A 32 -0.31 8.51 5.87
CA LEU A 32 -0.84 7.27 5.32
C LEU A 32 -2.37 7.16 5.41
N GLY A 33 -2.96 7.71 6.48
CA GLY A 33 -4.40 7.69 6.61
C GLY A 33 -5.07 8.58 5.59
N ARG A 34 -4.44 9.71 5.30
CA ARG A 34 -5.00 10.62 4.31
C ARG A 34 -4.97 9.93 2.94
N LEU A 35 -3.84 9.31 2.61
CA LEU A 35 -3.72 8.62 1.34
C LEU A 35 -4.69 7.44 1.22
N THR A 36 -4.80 6.64 2.28
CA THR A 36 -5.70 5.48 2.23
C THR A 36 -7.17 5.92 2.19
N ASP A 37 -7.44 7.14 2.64
CA ASP A 37 -8.76 7.74 2.51
C ASP A 37 -9.02 8.31 1.12
N ASN A 38 -8.09 8.08 0.20
CA ASN A 38 -8.19 8.56 -1.18
C ASN A 38 -8.16 10.09 -1.29
N ARG A 39 -7.39 10.73 -0.42
CA ARG A 39 -7.29 12.18 -0.44
C ARG A 39 -5.92 12.64 -0.92
N ASP A 40 -5.90 13.72 -1.69
CA ASP A 40 -4.66 14.42 -2.01
C ASP A 40 -4.03 14.92 -0.72
N LEU A 41 -2.70 14.97 -0.68
CA LEU A 41 -2.00 15.47 0.50
C LEU A 41 -2.04 16.99 0.56
N ALA A 42 -1.86 17.54 1.75
CA ALA A 42 -1.72 18.99 1.92
C ALA A 42 -0.34 19.37 1.44
N ARG A 43 -0.17 20.63 1.03
CA ARG A 43 1.15 21.13 0.63
C ARG A 43 2.15 20.83 1.74
N GLY A 44 3.33 20.34 1.35
CA GLY A 44 4.38 20.03 2.29
C GLY A 44 4.39 18.61 2.81
N GLN A 45 3.27 17.88 2.73
CA GLN A 45 3.22 16.55 3.34
C GLN A 45 4.05 15.51 2.59
N ALA A 46 3.96 15.49 1.26
CA ALA A 46 4.77 14.53 0.51
C ALA A 46 6.24 14.85 0.76
N ALA A 47 6.55 16.14 0.83
CA ALA A 47 7.92 16.58 1.10
C ALA A 47 8.38 16.05 2.45
N TRP A 48 7.54 16.23 3.47
CA TRP A 48 7.87 15.72 4.80
C TRP A 48 8.13 14.22 4.76
N ALA A 49 7.27 13.49 4.07
CA ALA A 49 7.42 12.04 3.99
C ALA A 49 8.77 11.67 3.40
N MET A 50 9.08 12.28 2.25
CA MET A 50 10.30 11.93 1.57
C MET A 50 11.50 12.34 2.42
N ASP A 51 11.38 13.44 3.17
CA ASP A 51 12.51 13.88 4.00
C ASP A 51 12.72 12.85 5.12
N GLN A 52 11.64 12.33 5.69
CA GLN A 52 11.75 11.24 6.66
C GLN A 52 12.46 10.04 6.06
N ILE A 53 12.09 9.69 4.85
CA ILE A 53 12.67 8.54 4.18
C ILE A 53 14.17 8.71 4.00
N MET A 54 14.61 9.93 3.74
CA MET A 54 16.00 10.19 3.45
C MET A 54 16.85 10.58 4.66
N THR A 55 16.21 10.83 5.78
CA THR A 55 16.97 11.13 6.99
C THR A 55 16.94 9.95 7.95
N GLY A 56 16.73 8.76 7.39
CA GLY A 56 16.74 7.52 8.15
C GLY A 56 15.54 7.28 9.04
N ASN A 57 14.58 8.21 9.04
CA ASN A 57 13.44 8.13 9.94
C ASN A 57 12.20 7.49 9.31
N ALA A 58 12.41 6.46 8.50
CA ALA A 58 11.29 5.71 7.94
C ALA A 58 11.56 4.21 8.02
N ARG A 59 10.57 3.45 8.48
CA ARG A 59 10.64 1.98 8.48
C ARG A 59 10.32 1.48 7.10
N PRO A 60 10.94 0.36 6.68
CA PRO A 60 10.61 -0.23 5.37
C PRO A 60 9.10 -0.32 5.16
N ALA A 61 8.35 -0.67 6.21
CA ALA A 61 6.91 -0.83 6.10
C ALA A 61 6.19 0.49 5.80
N GLN A 62 6.65 1.57 6.43
CA GLN A 62 6.11 2.91 6.16
C GLN A 62 6.45 3.35 4.74
N ILE A 63 7.69 3.10 4.31
CA ILE A 63 8.10 3.49 2.95
C ILE A 63 7.23 2.78 1.92
N ALA A 64 7.07 1.46 2.09
CA ALA A 64 6.23 0.67 1.19
C ALA A 64 4.78 1.10 1.23
N ALA A 65 4.26 1.33 2.43
CA ALA A 65 2.87 1.76 2.55
C ALA A 65 2.64 3.09 1.83
N PHE A 66 3.59 4.00 1.98
CA PHE A 66 3.49 5.32 1.35
C PHE A 66 3.53 5.21 -0.19
N ALA A 67 4.50 4.46 -0.72
CA ALA A 67 4.65 4.35 -2.18
C ALA A 67 3.39 3.73 -2.79
N VAL A 68 2.90 2.68 -2.17
CA VAL A 68 1.69 2.02 -2.64
C VAL A 68 0.45 2.91 -2.50
N ALA A 69 0.27 3.53 -1.34
CA ALA A 69 -0.93 4.35 -1.13
C ALA A 69 -1.00 5.53 -2.10
N MET A 70 0.14 6.21 -2.29
CA MET A 70 0.10 7.34 -3.20
C MET A 70 -0.21 6.87 -4.63
N THR A 71 0.28 5.68 -4.97
CA THR A 71 0.03 5.14 -6.31
C THR A 71 -1.47 4.89 -6.49
N MET A 72 -2.10 4.24 -5.50
CA MET A 72 -3.51 3.90 -5.67
C MET A 72 -4.44 5.10 -5.54
N LYS A 73 -4.04 6.10 -4.78
CA LYS A 73 -4.83 7.34 -4.65
C LYS A 73 -4.84 8.11 -5.98
N ALA A 74 -3.79 7.90 -6.78
CA ALA A 74 -3.43 8.69 -7.99
C ALA A 74 -2.63 9.95 -7.60
N PRO A 75 -1.31 9.88 -7.79
CA PRO A 75 -0.46 11.01 -7.39
C PRO A 75 -0.70 12.23 -8.25
N THR A 76 -0.51 13.40 -7.66
CA THR A 76 -0.63 14.65 -8.38
C THR A 76 0.76 15.12 -8.76
N ALA A 77 0.84 16.02 -9.73
CA ALA A 77 2.13 16.62 -10.08
C ALA A 77 2.71 17.39 -8.88
N ASP A 78 1.87 18.05 -8.09
CA ASP A 78 2.38 18.73 -6.89
C ASP A 78 3.06 17.71 -5.98
N GLU A 79 2.39 16.59 -5.71
CA GLU A 79 2.96 15.59 -4.82
C GLU A 79 4.29 15.03 -5.32
N VAL A 80 4.31 14.55 -6.56
CA VAL A 80 5.53 13.97 -7.13
C VAL A 80 6.65 15.01 -7.17
N GLY A 81 6.30 16.26 -7.50
CA GLY A 81 7.28 17.33 -7.49
C GLY A 81 7.93 17.54 -6.13
N GLU A 82 7.13 17.44 -5.06
CA GLU A 82 7.66 17.56 -3.71
C GLU A 82 8.65 16.44 -3.41
N LEU A 83 8.30 15.23 -3.84
CA LEU A 83 9.16 14.06 -3.62
C LEU A 83 10.48 14.26 -4.32
N ALA A 84 10.43 14.62 -5.60
CA ALA A 84 11.66 14.82 -6.37
C ALA A 84 12.45 15.98 -5.80
N GLY A 85 11.74 17.02 -5.37
CA GLY A 85 12.38 18.19 -4.79
C GLY A 85 13.23 17.84 -3.57
N VAL A 86 12.70 16.98 -2.72
CA VAL A 86 13.41 16.64 -1.49
C VAL A 86 14.65 15.84 -1.84
N MET A 87 14.49 14.88 -2.75
CA MET A 87 15.62 14.11 -3.25
C MET A 87 16.75 14.98 -3.78
N LEU A 88 16.40 15.95 -4.61
CA LEU A 88 17.41 16.81 -5.20
C LEU A 88 18.00 17.78 -4.16
N SER A 89 17.23 18.14 -3.15
CA SER A 89 17.73 18.99 -2.06
C SER A 89 18.81 18.28 -1.26
N HIS A 90 18.76 16.95 -1.26
CA HIS A 90 19.73 16.15 -0.51
C HIS A 90 20.89 15.66 -1.36
N ALA A 91 20.76 15.73 -2.68
CA ALA A 91 21.72 15.08 -3.57
C ALA A 91 23.04 15.82 -3.66
N HIS A 92 24.09 15.11 -4.04
CA HIS A 92 25.39 15.73 -4.34
C HIS A 92 25.23 16.43 -5.69
N PRO A 93 25.48 17.73 -5.74
CA PRO A 93 25.35 18.49 -6.98
C PRO A 93 26.61 18.38 -7.82
N LEU A 94 26.54 18.81 -9.08
CA LEU A 94 27.77 18.99 -9.83
C LEU A 94 28.33 20.36 -9.46
N PRO A 95 29.66 20.53 -9.55
CA PRO A 95 30.28 21.81 -9.20
C PRO A 95 29.67 22.99 -9.96
N ALA A 96 29.75 24.19 -9.41
CA ALA A 96 29.16 25.38 -10.04
C ALA A 96 29.62 25.56 -11.48
N ASP A 97 28.70 26.00 -12.34
CA ASP A 97 28.99 26.32 -13.74
C ASP A 97 29.61 25.20 -14.57
N THR A 98 29.36 23.94 -14.21
CA THR A 98 29.92 22.81 -14.97
C THR A 98 28.91 22.13 -15.88
N VAL A 99 27.64 22.45 -15.70
CA VAL A 99 26.62 21.85 -16.56
C VAL A 99 26.09 22.92 -17.49
N PRO A 100 26.25 22.74 -18.81
CA PRO A 100 25.76 23.72 -19.78
C PRO A 100 24.27 23.95 -19.62
N ASP A 101 23.83 25.18 -19.89
CA ASP A 101 22.43 25.57 -19.70
C ASP A 101 21.52 24.73 -20.57
N ASP A 102 22.06 24.18 -21.65
CA ASP A 102 21.25 23.43 -22.60
C ASP A 102 21.51 21.92 -22.58
N ALA A 103 22.02 21.40 -21.47
CA ALA A 103 22.30 19.96 -21.37
C ALA A 103 21.00 19.16 -21.40
N VAL A 104 21.03 17.94 -21.92
CA VAL A 104 19.81 17.12 -21.97
C VAL A 104 19.99 15.77 -21.32
N ASP A 105 18.87 15.16 -20.93
CA ASP A 105 18.87 13.79 -20.46
C ASP A 105 18.16 12.98 -21.53
N VAL A 106 18.49 11.70 -21.62
CA VAL A 106 17.80 10.75 -22.50
C VAL A 106 17.60 9.50 -21.67
N VAL A 107 16.36 9.21 -21.30
CA VAL A 107 16.15 8.13 -20.35
C VAL A 107 14.69 7.71 -20.27
N GLY A 108 14.46 6.47 -19.83
CA GLY A 108 13.11 6.00 -19.59
C GLY A 108 12.94 5.50 -18.17
N THR A 109 11.69 5.27 -17.78
CA THR A 109 11.40 4.73 -16.45
C THR A 109 11.79 3.26 -16.31
N GLY A 110 11.82 2.53 -17.42
CA GLY A 110 11.82 1.08 -17.39
C GLY A 110 10.40 0.62 -17.03
N GLY A 111 10.20 -0.69 -16.85
CA GLY A 111 8.87 -1.16 -16.50
C GLY A 111 8.77 -2.64 -16.19
N THR A 116 14.24 -0.20 -22.30
CA THR A 116 14.98 0.20 -23.50
C THR A 116 16.31 0.85 -23.17
N VAL A 117 17.08 0.24 -22.28
CA VAL A 117 18.40 0.78 -21.96
C VAL A 117 19.25 0.78 -23.22
N ASN A 118 19.08 -0.24 -24.05
CA ASN A 118 19.78 -0.32 -25.32
C ASN A 118 19.49 0.90 -26.19
N LEU A 119 18.21 1.19 -26.38
CA LEU A 119 17.82 2.35 -27.20
C LEU A 119 18.27 3.69 -26.60
N SER A 120 18.00 3.92 -25.33
CA SER A 120 18.33 5.20 -24.72
C SER A 120 19.84 5.43 -24.61
N THR A 121 20.61 4.36 -24.47
CA THR A 121 22.07 4.49 -24.35
C THR A 121 22.63 4.93 -25.70
N MET A 122 22.15 4.29 -26.76
CA MET A 122 22.59 4.61 -28.11
C MET A 122 22.14 6.01 -28.50
N ALA A 123 20.89 6.34 -28.22
CA ALA A 123 20.37 7.68 -28.54
C ALA A 123 21.16 8.76 -27.83
N ALA A 124 21.48 8.56 -26.56
CA ALA A 124 22.28 9.54 -25.81
C ALA A 124 23.64 9.78 -26.45
N ILE A 125 24.27 8.71 -26.90
CA ILE A 125 25.59 8.85 -27.54
C ILE A 125 25.45 9.65 -28.84
N VAL A 126 24.42 9.33 -29.63
CA VAL A 126 24.15 10.02 -30.89
C VAL A 126 23.85 11.51 -30.67
N VAL A 127 23.04 11.82 -29.66
CA VAL A 127 22.73 13.20 -29.30
C VAL A 127 23.97 14.01 -28.91
N ALA A 128 24.81 13.42 -28.05
CA ALA A 128 26.04 14.08 -27.64
C ALA A 128 26.94 14.30 -28.86
N ALA A 129 26.99 13.32 -29.74
CA ALA A 129 27.84 13.42 -30.94
C ALA A 129 27.34 14.47 -31.92
N ALA A 130 26.05 14.76 -31.86
CA ALA A 130 25.47 15.85 -32.64
C ALA A 130 25.81 17.22 -32.04
N GLY A 131 26.44 17.25 -30.88
CA GLY A 131 26.81 18.51 -30.27
C GLY A 131 25.89 19.02 -29.17
N VAL A 132 24.93 18.21 -28.75
CA VAL A 132 24.09 18.59 -27.62
C VAL A 132 24.61 17.89 -26.37
N PRO A 133 25.01 18.65 -25.35
CA PRO A 133 25.58 18.07 -24.13
C PRO A 133 24.58 17.11 -23.49
N VAL A 134 25.01 15.91 -23.09
CA VAL A 134 24.08 14.95 -22.50
C VAL A 134 24.58 14.57 -21.14
N VAL A 135 23.70 14.61 -20.14
CA VAL A 135 24.12 14.11 -18.85
C VAL A 135 23.10 13.11 -18.38
N LYS A 136 23.53 11.86 -18.27
CA LYS A 136 22.59 10.81 -17.93
C LYS A 136 22.60 10.50 -16.44
N HIS A 137 21.57 9.77 -16.01
CA HIS A 137 21.39 9.43 -14.62
C HIS A 137 20.90 7.99 -14.59
N GLY A 138 21.64 7.10 -13.95
CA GLY A 138 21.21 5.72 -13.96
C GLY A 138 21.88 4.81 -12.94
N ASN A 139 21.56 3.52 -13.05
CA ASN A 139 22.09 2.54 -12.12
C ASN A 139 22.26 1.19 -12.82
N ARG A 140 22.96 0.27 -12.14
CA ARG A 140 23.01 -1.12 -12.60
C ARG A 140 21.69 -1.83 -12.29
N ALA A 141 21.52 -3.04 -12.84
CA ALA A 141 20.32 -3.81 -12.58
C ALA A 141 20.65 -5.26 -12.25
C GLY A 148 23.40 1.29 -18.08
N ALA A 149 23.65 1.27 -16.78
CA ALA A 149 25.01 1.37 -16.28
C ALA A 149 25.81 0.11 -16.63
N ASP A 150 25.13 -1.03 -16.66
CA ASP A 150 25.76 -2.30 -17.03
C ASP A 150 26.22 -2.35 -18.49
N THR A 151 25.38 -1.85 -19.40
CA THR A 151 25.71 -1.88 -20.81
C THR A 151 26.89 -0.96 -21.13
N LEU A 152 26.92 0.20 -20.49
CA LEU A 152 28.04 1.13 -20.63
C LEU A 152 29.32 0.52 -20.08
N GLU A 153 29.22 -0.15 -18.92
CA GLU A 153 30.37 -0.87 -18.36
C GLU A 153 30.91 -1.91 -19.33
N ALA A 154 30.00 -2.63 -19.98
CA ALA A 154 30.40 -3.64 -20.94
C ALA A 154 31.09 -3.00 -22.15
N LEU A 155 30.76 -1.74 -22.42
CA LEU A 155 31.38 -1.02 -23.53
C LEU A 155 32.72 -0.43 -23.13
N GLY A 156 33.04 -0.52 -21.83
CA GLY A 156 34.31 -0.01 -21.34
C GLY A 156 34.21 1.36 -20.72
N VAL A 157 32.99 1.86 -20.59
CA VAL A 157 32.77 3.17 -19.99
C VAL A 157 32.83 3.06 -18.48
N ARG A 158 33.47 4.04 -17.83
CA ARG A 158 33.50 4.11 -16.37
C ARG A 158 32.27 4.83 -15.84
N ILE A 159 31.42 4.10 -15.13
CA ILE A 159 30.13 4.65 -14.69
C ILE A 159 30.14 5.32 -13.32
N ASP A 160 31.06 4.93 -12.43
CA ASP A 160 31.03 5.47 -11.08
C ASP A 160 32.02 6.60 -10.86
N LEU A 161 31.69 7.78 -11.34
CA LEU A 161 32.55 8.93 -11.16
C LEU A 161 31.90 9.93 -10.22
N GLY A 162 32.71 10.63 -9.45
CA GLY A 162 32.20 11.67 -8.57
C GLY A 162 31.88 12.91 -9.38
N PRO A 163 31.26 13.91 -8.74
CA PRO A 163 30.80 15.15 -9.37
C PRO A 163 31.85 15.84 -10.24
N ASP A 164 33.09 15.91 -9.76
CA ASP A 164 34.12 16.64 -10.47
C ASP A 164 34.51 15.96 -11.79
N LEU A 165 34.54 14.64 -11.79
CA LEU A 165 34.94 13.90 -12.99
C LEU A 165 33.79 13.75 -14.00
N VAL A 166 32.55 13.77 -13.51
CA VAL A 166 31.41 13.81 -14.43
C VAL A 166 31.40 15.14 -15.14
N ALA A 167 31.69 16.22 -14.40
CA ALA A 167 31.79 17.55 -14.97
C ALA A 167 32.91 17.60 -16.01
N ARG A 168 34.02 16.96 -15.71
CA ARG A 168 35.13 16.90 -16.65
C ARG A 168 34.74 16.09 -17.87
N SER A 169 34.03 14.99 -17.65
CA SER A 169 33.62 14.17 -18.78
C SER A 169 32.72 14.96 -19.72
N LEU A 170 31.77 15.69 -19.13
CA LEU A 170 30.79 16.46 -19.91
C LEU A 170 31.48 17.52 -20.76
N ALA A 171 32.47 18.18 -20.18
CA ALA A 171 33.24 19.19 -20.91
C ALA A 171 34.15 18.59 -21.99
N GLU A 172 34.84 17.50 -21.66
CA GLU A 172 35.87 16.96 -22.56
C GLU A 172 35.32 16.04 -23.63
N VAL A 173 34.28 15.27 -23.26
CA VAL A 173 33.74 14.25 -24.15
C VAL A 173 32.41 14.69 -24.75
N GLY A 174 31.63 15.45 -23.96
CA GLY A 174 30.33 15.92 -24.41
C GLY A 174 29.20 15.13 -23.78
N ILE A 175 29.55 14.20 -22.89
CA ILE A 175 28.55 13.37 -22.21
C ILE A 175 29.09 13.00 -20.84
N GLY A 176 28.19 12.87 -19.87
CA GLY A 176 28.54 12.46 -18.54
C GLY A 176 27.48 11.49 -18.05
N PHE A 177 27.84 10.65 -17.10
CA PHE A 177 26.88 9.70 -16.53
C PHE A 177 26.93 9.79 -15.01
N CYS A 178 25.81 10.18 -14.41
CA CYS A 178 25.72 10.28 -12.97
C CYS A 178 25.23 8.97 -12.39
N PHE A 179 26.09 8.31 -11.61
CA PHE A 179 25.72 7.04 -11.01
C PHE A 179 24.83 7.27 -9.79
N ALA A 180 23.57 6.81 -9.87
CA ALA A 180 22.56 7.17 -8.89
C ALA A 180 22.96 6.94 -7.42
N PRO A 181 23.50 5.74 -7.11
CA PRO A 181 23.89 5.56 -5.71
C PRO A 181 24.93 6.58 -5.25
N ARG A 182 25.78 7.02 -6.16
CA ARG A 182 26.82 7.99 -5.79
C ARG A 182 26.26 9.37 -5.49
N PHE A 183 25.19 9.75 -6.17
CA PHE A 183 24.68 11.11 -6.00
C PHE A 183 23.51 11.20 -5.06
N HIS A 184 22.83 10.06 -4.86
CA HIS A 184 21.65 10.00 -3.98
C HIS A 184 21.81 9.00 -2.83
N PRO A 185 22.93 9.08 -2.06
CA PRO A 185 23.16 8.03 -1.06
C PRO A 185 22.04 7.89 -0.02
N SER A 186 21.46 9.01 0.39
CA SER A 186 20.40 9.00 1.41
C SER A 186 19.12 8.30 0.93
N TYR A 187 19.06 7.95 -0.36
CA TYR A 187 17.89 7.27 -0.92
C TYR A 187 17.99 5.74 -0.92
N ARG A 188 19.09 5.19 -0.40
CA ARG A 188 19.30 3.75 -0.50
C ARG A 188 18.22 2.90 0.17
N HIS A 189 17.64 3.38 1.26
CA HIS A 189 16.59 2.61 1.91
C HIS A 189 15.36 2.53 1.02
N ALA A 190 14.96 3.67 0.46
CA ALA A 190 13.82 3.71 -0.45
C ALA A 190 14.06 2.83 -1.67
N ALA A 191 15.27 2.88 -2.23
CA ALA A 191 15.55 2.10 -3.42
C ALA A 191 15.42 0.61 -3.13
N ALA A 192 15.88 0.20 -1.94
CA ALA A 192 15.79 -1.20 -1.54
C ALA A 192 14.33 -1.63 -1.42
N VAL A 193 13.52 -0.79 -0.76
CA VAL A 193 12.11 -1.11 -0.60
C VAL A 193 11.41 -1.26 -1.96
N ARG A 194 11.78 -0.41 -2.91
CA ARG A 194 11.21 -0.49 -4.24
C ARG A 194 11.39 -1.89 -4.84
N ARG A 195 12.58 -2.45 -4.67
N ARG A 195 12.58 -2.47 -4.66
CA ARG A 195 12.91 -3.77 -5.20
CA ARG A 195 12.85 -3.80 -5.20
C ARG A 195 12.16 -4.87 -4.46
C ARG A 195 12.07 -4.86 -4.47
N GLU A 196 12.01 -4.72 -3.14
CA GLU A 196 11.36 -5.72 -2.31
C GLU A 196 9.89 -5.93 -2.69
N ILE A 197 9.19 -4.84 -3.01
CA ILE A 197 7.76 -4.98 -3.34
C ILE A 197 7.47 -5.31 -4.81
N GLY A 198 8.37 -4.93 -5.71
CA GLY A 198 8.27 -5.35 -7.10
C GLY A 198 7.31 -4.59 -8.00
N VAL A 199 6.07 -4.42 -7.53
CA VAL A 199 5.03 -3.72 -8.27
C VAL A 199 5.49 -2.30 -8.60
N PRO A 200 5.18 -1.80 -9.81
CA PRO A 200 5.55 -0.41 -10.08
C PRO A 200 4.74 0.52 -9.19
N THR A 201 5.37 1.59 -8.73
CA THR A 201 4.68 2.61 -7.95
C THR A 201 5.13 3.97 -8.44
N VAL A 202 4.56 5.02 -7.86
CA VAL A 202 4.98 6.38 -8.14
C VAL A 202 6.50 6.55 -7.97
N PHE A 203 7.12 5.68 -7.18
CA PHE A 203 8.56 5.79 -6.98
C PHE A 203 9.32 5.52 -8.27
N ASN A 204 8.71 4.76 -9.16
CA ASN A 204 9.32 4.52 -10.47
C ASN A 204 9.51 5.77 -11.33
N LEU A 205 8.89 6.88 -10.96
CA LEU A 205 9.09 8.15 -11.68
C LEU A 205 10.32 8.92 -11.19
N LEU A 206 10.80 8.58 -10.01
CA LEU A 206 11.74 9.48 -9.31
C LEU A 206 13.14 9.52 -9.93
N GLY A 207 13.60 8.39 -10.45
CA GLY A 207 14.87 8.37 -11.16
C GLY A 207 15.02 9.44 -12.24
N PRO A 208 14.14 9.40 -13.25
CA PRO A 208 14.27 10.36 -14.35
C PRO A 208 14.03 11.78 -13.90
N LEU A 209 13.30 11.95 -12.79
CA LEU A 209 12.98 13.25 -12.24
C LEU A 209 14.09 13.81 -11.34
N THR A 210 15.11 13.02 -11.02
CA THR A 210 16.12 13.49 -10.07
C THR A 210 17.54 13.40 -10.59
N ASN A 211 17.72 13.63 -11.88
CA ASN A 211 19.06 13.76 -12.43
C ASN A 211 19.83 14.82 -11.64
N PRO A 212 20.93 14.43 -10.98
CA PRO A 212 21.56 15.41 -10.10
C PRO A 212 22.24 16.59 -10.81
N ALA A 213 22.47 16.46 -12.10
CA ALA A 213 23.05 17.55 -12.89
C ALA A 213 21.96 18.55 -13.25
N ARG A 214 20.71 18.17 -12.98
CA ARG A 214 19.53 18.99 -13.29
C ARG A 214 19.45 19.56 -14.71
N PRO A 215 19.59 18.70 -15.72
CA PRO A 215 19.49 19.27 -17.07
C PRO A 215 18.07 19.78 -17.28
N ARG A 216 17.93 20.78 -18.13
CA ARG A 216 16.64 21.47 -18.29
C ARG A 216 15.81 20.88 -19.42
N ALA A 217 16.38 19.93 -20.15
CA ALA A 217 15.68 19.38 -21.29
C ALA A 217 15.91 17.88 -21.35
N GLY A 218 15.06 17.20 -22.11
CA GLY A 218 15.25 15.77 -22.22
C GLY A 218 14.17 15.08 -23.01
N LEU A 219 14.49 13.85 -23.41
CA LEU A 219 13.50 12.90 -23.92
C LEU A 219 13.34 11.91 -22.79
N ILE A 220 12.15 11.81 -22.21
CA ILE A 220 11.96 11.00 -21.02
C ILE A 220 10.90 9.96 -21.31
N GLY A 221 11.27 8.69 -21.25
CA GLY A 221 10.32 7.62 -21.49
C GLY A 221 9.61 7.19 -20.24
N CYS A 222 8.33 6.84 -20.35
CA CYS A 222 7.58 6.39 -19.20
C CYS A 222 6.73 5.20 -19.59
N ALA A 223 6.97 4.06 -18.96
CA ALA A 223 6.28 2.82 -19.33
C ALA A 223 4.83 2.78 -18.86
N PHE A 224 4.48 3.70 -17.97
CA PHE A 224 3.18 3.67 -17.31
C PHE A 224 2.33 4.83 -17.80
N ALA A 225 1.39 4.54 -18.69
CA ALA A 225 0.55 5.56 -19.29
C ALA A 225 -0.20 6.39 -18.24
N ASP A 226 -0.55 5.78 -17.11
CA ASP A 226 -1.33 6.50 -16.09
C ASP A 226 -0.50 7.49 -15.26
N LEU A 227 0.82 7.38 -15.34
CA LEU A 227 1.72 8.25 -14.59
C LEU A 227 2.48 9.25 -15.47
N ALA A 228 2.48 9.02 -16.78
CA ALA A 228 3.25 9.85 -17.71
C ALA A 228 2.79 11.30 -17.71
N GLU A 229 1.48 11.52 -17.58
CA GLU A 229 0.97 12.88 -17.60
C GLU A 229 1.38 13.60 -16.32
N VAL A 230 1.37 12.87 -15.21
CA VAL A 230 1.81 13.43 -13.93
C VAL A 230 3.29 13.78 -14.05
N MET A 231 4.06 12.88 -14.66
CA MET A 231 5.49 13.14 -14.79
C MET A 231 5.76 14.38 -15.64
N ALA A 232 4.98 14.56 -16.69
CA ALA A 232 5.07 15.75 -17.52
C ALA A 232 4.74 17.03 -16.75
N GLY A 233 3.78 16.94 -15.83
CA GLY A 233 3.38 18.08 -15.03
C GLY A 233 4.52 18.54 -14.13
N VAL A 234 5.28 17.58 -13.62
CA VAL A 234 6.43 17.91 -12.77
C VAL A 234 7.51 18.67 -13.55
N PHE A 235 7.84 18.17 -14.74
CA PHE A 235 8.78 18.83 -15.63
C PHE A 235 8.27 20.21 -16.01
N ALA A 236 6.97 20.32 -16.28
CA ALA A 236 6.39 21.64 -16.62
C ALA A 236 6.55 22.66 -15.49
N ALA A 237 6.34 22.22 -14.26
CA ALA A 237 6.42 23.13 -13.12
C ALA A 237 7.83 23.70 -12.96
N ARG A 238 8.84 22.89 -13.31
CA ARG A 238 10.21 23.36 -13.22
C ARG A 238 10.72 24.02 -14.50
N ARG A 239 9.79 24.29 -15.42
CA ARG A 239 10.07 25.03 -16.65
C ARG A 239 11.10 24.29 -17.52
N SER A 240 11.00 22.97 -17.55
CA SER A 240 11.86 22.17 -18.43
C SER A 240 11.28 22.11 -19.82
N SER A 241 12.14 21.81 -20.79
CA SER A 241 11.70 21.48 -22.15
C SER A 241 11.88 19.97 -22.37
N VAL A 242 10.79 19.21 -22.27
CA VAL A 242 10.91 17.77 -22.27
C VAL A 242 9.87 17.13 -23.17
N LEU A 243 10.22 16.04 -23.83
CA LEU A 243 9.21 15.18 -24.45
C LEU A 243 9.05 13.98 -23.54
N VAL A 244 7.89 13.82 -22.89
CA VAL A 244 7.66 12.61 -22.12
C VAL A 244 6.99 11.64 -23.07
N VAL A 245 7.58 10.47 -23.22
CA VAL A 245 7.12 9.58 -24.29
C VAL A 245 6.67 8.23 -23.80
N HIS A 246 5.59 7.73 -24.41
CA HIS A 246 5.03 6.43 -24.06
C HIS A 246 4.61 5.73 -25.34
N GLY A 247 5.31 4.66 -25.69
CA GLY A 247 4.96 3.91 -26.88
C GLY A 247 3.59 3.28 -26.69
N ASP A 248 2.75 3.32 -27.72
CA ASP A 248 1.41 2.74 -27.58
C ASP A 248 1.44 1.19 -27.58
N ASP A 249 2.64 0.65 -27.64
CA ASP A 249 2.87 -0.79 -27.48
C ASP A 249 3.46 -1.07 -26.10
N GLY A 250 3.53 -0.04 -25.27
CA GLY A 250 4.01 -0.18 -23.90
C GLY A 250 5.48 0.16 -23.65
N LEU A 251 6.19 0.52 -24.71
CA LEU A 251 7.61 0.89 -24.58
C LEU A 251 7.79 2.22 -23.87
N ASP A 252 8.89 2.38 -23.13
CA ASP A 252 9.23 3.68 -22.54
C ASP A 252 10.22 4.43 -23.44
N GLU A 253 10.00 4.34 -24.74
CA GLU A 253 10.81 5.07 -25.72
C GLU A 253 9.88 5.33 -26.88
N LEU A 254 10.27 6.23 -27.78
CA LEU A 254 9.52 6.38 -29.01
C LEU A 254 9.66 5.09 -29.80
N THR A 255 8.53 4.51 -30.18
CA THR A 255 8.57 3.22 -30.85
C THR A 255 8.43 3.32 -32.36
N THR A 256 8.77 2.22 -33.04
CA THR A 256 8.67 2.13 -34.50
C THR A 256 7.64 1.05 -34.90
N THR A 257 7.15 0.31 -33.90
CA THR A 257 6.14 -0.72 -34.17
C THR A 257 4.74 -0.15 -34.31
N THR A 258 4.54 1.06 -33.80
CA THR A 258 3.24 1.73 -33.85
C THR A 258 3.42 3.15 -33.36
N THR A 259 2.30 3.80 -33.07
CA THR A 259 2.31 5.19 -32.63
C THR A 259 2.84 5.31 -31.20
N SER A 260 3.18 6.53 -30.79
CA SER A 260 3.54 6.84 -29.41
C SER A 260 2.75 8.04 -28.92
N THR A 261 2.47 8.06 -27.61
CA THR A 261 1.87 9.26 -27.04
C THR A 261 3.01 10.10 -26.49
N ILE A 262 3.01 11.38 -26.85
CA ILE A 262 4.02 12.30 -26.33
C ILE A 262 3.35 13.41 -25.56
N TRP A 263 3.83 13.66 -24.34
CA TRP A 263 3.42 14.87 -23.65
C TRP A 263 4.52 15.88 -23.87
N ARG A 264 4.23 16.88 -24.68
CA ARG A 264 5.21 17.90 -25.02
CA ARG A 264 5.23 17.90 -25.01
C ARG A 264 5.21 18.97 -23.94
N VAL A 265 6.35 19.13 -23.27
CA VAL A 265 6.45 20.09 -22.17
C VAL A 265 7.37 21.21 -22.60
N ALA A 266 6.84 22.43 -22.58
CA ALA A 266 7.60 23.65 -22.83
C ALA A 266 6.81 24.85 -22.30
N ALA A 267 7.53 25.87 -21.82
CA ALA A 267 6.90 27.11 -21.35
C ALA A 267 5.90 26.88 -20.22
N GLY A 268 6.18 25.88 -19.39
CA GLY A 268 5.33 25.57 -18.24
C GLY A 268 4.01 24.90 -18.57
N SER A 269 3.78 24.59 -19.85
CA SER A 269 2.53 23.94 -20.24
C SER A 269 2.78 22.55 -20.87
N VAL A 270 1.74 21.72 -20.90
CA VAL A 270 1.84 20.36 -21.42
C VAL A 270 0.82 20.17 -22.54
N ASP A 271 1.31 19.76 -23.72
CA ASP A 271 0.44 19.44 -24.86
C ASP A 271 0.51 17.94 -25.12
N LYS A 272 -0.64 17.26 -25.11
CA LYS A 272 -0.65 15.82 -25.37
C LYS A 272 -0.78 15.53 -26.88
N LEU A 273 0.13 14.73 -27.41
CA LEU A 273 0.17 14.46 -28.86
C LEU A 273 0.31 12.98 -29.11
N THR A 274 -0.19 12.53 -30.26
CA THR A 274 0.12 11.19 -30.73
C THR A 274 1.12 11.35 -31.88
N PHE A 275 2.15 10.51 -31.87
CA PHE A 275 3.24 10.63 -32.82
C PHE A 275 3.33 9.38 -33.67
N ASP A 276 3.41 9.54 -34.99
CA ASP A 276 3.50 8.41 -35.88
C ASP A 276 4.72 8.48 -36.78
N PRO A 277 5.70 7.60 -36.55
CA PRO A 277 6.95 7.55 -37.32
C PRO A 277 6.72 7.39 -38.83
N ALA A 278 5.60 6.78 -39.22
CA ALA A 278 5.30 6.64 -40.65
C ALA A 278 5.25 8.00 -41.34
N GLY A 279 4.91 9.04 -40.59
CA GLY A 279 4.89 10.39 -41.13
C GLY A 279 6.28 10.87 -41.53
N PHE A 280 7.30 10.21 -41.02
CA PHE A 280 8.67 10.56 -41.36
C PHE A 280 9.35 9.48 -42.18
N GLY A 281 8.53 8.59 -42.75
CA GLY A 281 9.04 7.56 -43.65
C GLY A 281 9.59 6.32 -42.98
N PHE A 282 9.34 6.16 -41.69
CA PHE A 282 9.82 4.97 -40.99
C PHE A 282 8.90 3.79 -41.24
N ALA A 283 9.48 2.67 -41.67
CA ALA A 283 8.73 1.43 -41.82
C ALA A 283 8.32 0.90 -40.46
N ARG A 284 7.18 0.21 -40.41
CA ARG A 284 6.78 -0.47 -39.17
C ARG A 284 7.72 -1.63 -38.87
N ALA A 285 8.07 -1.79 -37.60
CA ALA A 285 8.84 -2.94 -37.16
C ALA A 285 7.96 -3.69 -36.19
N GLN A 286 8.45 -4.84 -35.71
CA GLN A 286 7.77 -5.60 -34.68
C GLN A 286 8.58 -5.50 -33.39
N LEU A 287 7.92 -5.65 -32.25
CA LEU A 287 8.56 -5.46 -30.95
C LEU A 287 9.77 -6.40 -30.77
N ASP A 288 9.63 -7.64 -31.22
CA ASP A 288 10.71 -8.62 -31.14
C ASP A 288 12.02 -8.15 -31.80
N GLN A 289 11.90 -7.49 -32.96
CA GLN A 289 13.06 -6.96 -33.68
C GLN A 289 13.86 -5.99 -32.83
N LEU A 290 13.21 -5.42 -31.82
CA LEU A 290 13.84 -4.43 -30.95
C LEU A 290 14.33 -5.03 -29.64
N ALA A 291 14.30 -6.36 -29.52
CA ALA A 291 14.47 -7.02 -28.23
C ALA A 291 15.91 -7.38 -27.82
N GLY A 292 16.08 -7.65 -26.54
CA GLY A 292 17.39 -7.94 -25.96
C GLY A 292 17.64 -7.07 -24.75
N GLY A 293 18.38 -7.60 -23.77
CA GLY A 293 18.66 -6.88 -22.54
C GLY A 293 19.92 -7.34 -21.82
N ASP A 294 20.59 -8.33 -22.41
CA ASP A 294 21.88 -8.81 -21.92
C ASP A 294 22.93 -7.71 -22.07
N ALA A 295 24.08 -7.85 -21.41
CA ALA A 295 25.10 -6.80 -21.45
C ALA A 295 26.02 -6.93 -22.67
N GLN A 296 26.61 -8.10 -22.85
CA GLN A 296 27.45 -8.35 -24.01
C GLN A 296 26.62 -8.14 -25.27
N ALA A 297 25.42 -8.70 -25.27
CA ALA A 297 24.49 -8.57 -26.39
C ALA A 297 24.23 -7.10 -26.73
N ASN A 298 23.82 -6.32 -25.73
CA ASN A 298 23.51 -4.92 -25.96
C ASN A 298 24.72 -4.07 -26.32
N ALA A 299 25.88 -4.39 -25.74
CA ALA A 299 27.13 -3.76 -26.14
C ALA A 299 27.36 -4.03 -27.61
N ALA A 300 27.17 -5.28 -28.03
CA ALA A 300 27.34 -5.64 -29.43
C ALA A 300 26.34 -4.90 -30.31
N ALA A 301 25.14 -4.66 -29.80
CA ALA A 301 24.12 -3.96 -30.57
C ALA A 301 24.47 -2.49 -30.70
N VAL A 302 25.07 -1.92 -29.66
CA VAL A 302 25.53 -0.54 -29.72
C VAL A 302 26.63 -0.41 -30.78
N ARG A 303 27.59 -1.33 -30.76
CA ARG A 303 28.67 -1.29 -31.75
C ARG A 303 28.16 -1.44 -33.17
N ALA A 304 27.18 -2.31 -33.39
CA ALA A 304 26.66 -2.52 -34.73
C ALA A 304 25.99 -1.25 -35.25
N VAL A 305 25.08 -0.69 -34.46
CA VAL A 305 24.40 0.56 -34.82
C VAL A 305 25.35 1.74 -35.03
N LEU A 306 26.25 1.98 -34.10
CA LEU A 306 27.16 3.13 -34.21
C LEU A 306 28.12 2.91 -35.37
N GLY A 307 28.25 1.65 -35.77
CA GLY A 307 29.13 1.24 -36.86
C GLY A 307 28.41 1.28 -38.18
N GLY A 308 27.11 1.58 -38.13
CA GLY A 308 26.35 1.87 -39.33
C GLY A 308 25.35 0.82 -39.77
N ALA A 309 25.20 -0.25 -38.99
CA ALA A 309 24.25 -1.31 -39.34
C ALA A 309 22.84 -0.74 -39.41
N ARG A 310 22.12 -1.08 -40.47
CA ARG A 310 20.80 -0.53 -40.66
C ARG A 310 19.72 -1.52 -40.28
N GLY A 311 18.53 -1.00 -40.00
CA GLY A 311 17.41 -1.83 -39.61
C GLY A 311 16.59 -1.16 -38.53
N PRO A 312 15.70 -1.93 -37.90
CA PRO A 312 14.76 -1.40 -36.91
C PRO A 312 15.45 -0.78 -35.70
N VAL A 313 16.56 -1.36 -35.25
CA VAL A 313 17.21 -0.82 -34.05
C VAL A 313 17.77 0.58 -34.33
N ARG A 314 18.46 0.72 -35.45
CA ARG A 314 18.97 2.03 -35.86
C ARG A 314 17.83 3.03 -35.99
N ASP A 315 16.76 2.62 -36.67
CA ASP A 315 15.64 3.53 -36.85
C ASP A 315 15.11 4.04 -35.53
N ALA A 316 15.00 3.16 -34.54
CA ALA A 316 14.46 3.53 -33.24
C ALA A 316 15.43 4.44 -32.50
N VAL A 317 16.72 4.16 -32.62
CA VAL A 317 17.73 5.04 -32.05
C VAL A 317 17.66 6.45 -32.67
N VAL A 318 17.59 6.51 -34.00
CA VAL A 318 17.52 7.78 -34.70
C VAL A 318 16.27 8.55 -34.28
N LEU A 319 15.14 7.86 -34.21
CA LEU A 319 13.89 8.46 -33.69
C LEU A 319 14.04 9.10 -32.31
N ASN A 320 14.61 8.36 -31.37
CA ASN A 320 14.69 8.84 -29.99
C ASN A 320 15.73 9.93 -29.84
N ALA A 321 16.80 9.82 -30.62
CA ALA A 321 17.81 10.89 -30.59
C ALA A 321 17.22 12.18 -31.14
N ALA A 322 16.49 12.09 -32.24
CA ALA A 322 15.85 13.28 -32.80
C ALA A 322 14.88 13.91 -31.79
N GLY A 323 14.18 13.07 -31.05
CA GLY A 323 13.25 13.53 -30.02
C GLY A 323 13.96 14.33 -28.96
N ALA A 324 15.12 13.85 -28.52
CA ALA A 324 15.95 14.57 -27.56
C ALA A 324 16.43 15.91 -28.13
N ILE A 325 16.80 15.91 -29.39
CA ILE A 325 17.20 17.13 -30.08
C ILE A 325 16.03 18.08 -30.25
N VAL A 326 14.84 17.57 -30.55
CA VAL A 326 13.64 18.42 -30.49
C VAL A 326 13.40 19.05 -29.12
N ALA A 327 13.56 18.27 -28.05
CA ALA A 327 13.40 18.83 -26.71
C ALA A 327 14.43 19.91 -26.47
N HIS A 328 15.66 19.65 -26.91
CA HIS A 328 16.74 20.64 -26.78
C HIS A 328 16.37 21.94 -27.50
N ALA A 329 15.83 21.82 -28.72
CA ALA A 329 15.41 23.00 -29.48
C ALA A 329 14.38 23.83 -28.70
N GLY A 330 13.53 23.14 -27.94
CA GLY A 330 12.46 23.79 -27.21
C GLY A 330 12.89 24.72 -26.09
N LEU A 331 14.18 24.68 -25.74
CA LEU A 331 14.70 25.57 -24.70
C LEU A 331 14.68 27.03 -25.14
N SER A 332 14.83 27.26 -26.44
CA SER A 332 14.96 28.62 -26.96
C SER A 332 13.72 29.07 -27.75
N SER A 333 13.38 28.31 -28.78
CA SER A 333 12.12 28.48 -29.47
C SER A 333 11.38 27.16 -29.45
N ALA A 335 10.66 26.63 -32.70
CA ALA A 335 9.65 25.85 -32.00
C ALA A 335 8.82 24.97 -32.94
N GLU A 336 8.86 25.30 -34.24
CA GLU A 336 8.00 24.59 -35.19
C GLU A 336 8.25 23.08 -35.13
N TRP A 337 7.24 22.34 -34.70
CA TRP A 337 7.31 20.89 -34.47
C TRP A 337 7.85 20.11 -35.68
N LEU A 338 7.31 20.38 -36.87
CA LEU A 338 7.76 19.64 -38.06
C LEU A 338 9.19 19.95 -38.50
N PRO A 339 9.54 21.24 -38.66
CA PRO A 339 10.93 21.50 -39.01
C PRO A 339 11.88 21.00 -37.92
N ALA A 340 11.48 21.14 -36.66
CA ALA A 340 12.32 20.68 -35.55
C ALA A 340 12.59 19.18 -35.64
N TRP A 341 11.56 18.38 -35.92
CA TRP A 341 11.75 16.95 -36.08
C TRP A 341 12.60 16.64 -37.29
N GLU A 342 12.35 17.36 -38.38
CA GLU A 342 13.10 17.06 -39.60
C GLU A 342 14.58 17.41 -39.41
N GLU A 343 14.85 18.48 -38.68
CA GLU A 343 16.24 18.82 -38.39
C GLU A 343 16.85 17.82 -37.41
N GLY A 344 16.10 17.47 -36.37
CA GLY A 344 16.51 16.45 -35.41
C GLY A 344 16.86 15.15 -36.10
N LEU A 345 16.01 14.72 -37.03
CA LEU A 345 16.30 13.49 -37.76
C LEU A 345 17.55 13.56 -38.65
N ARG A 346 17.76 14.69 -39.32
CA ARG A 346 18.98 14.87 -40.12
C ARG A 346 20.23 14.83 -39.24
N ARG A 347 20.16 15.49 -38.08
CA ARG A 347 21.31 15.62 -37.19
C ARG A 347 21.65 14.28 -36.56
N ALA A 348 20.63 13.55 -36.15
CA ALA A 348 20.81 12.23 -35.56
C ALA A 348 21.42 11.29 -36.58
N SER A 349 20.86 11.26 -37.78
CA SER A 349 21.39 10.40 -38.85
C SER A 349 22.83 10.72 -39.23
N ALA A 350 23.14 12.01 -39.32
CA ALA A 350 24.48 12.45 -39.68
C ALA A 350 25.49 12.12 -38.60
N ALA A 351 25.10 12.25 -37.34
CA ALA A 351 26.00 11.91 -36.24
C ALA A 351 26.43 10.44 -36.34
N ILE A 352 25.50 9.56 -36.72
CA ILE A 352 25.90 8.18 -36.89
C ILE A 352 26.70 8.05 -38.17
N ASP A 353 26.16 8.58 -39.26
CA ASP A 353 26.77 8.30 -40.57
C ASP A 353 28.17 8.85 -40.79
N THR A 354 28.50 9.96 -40.14
CA THR A 354 29.82 10.57 -40.28
C THR A 354 30.82 9.85 -39.42
N GLY A 355 30.34 8.97 -38.55
CA GLY A 355 31.18 8.25 -37.60
C GLY A 355 31.38 9.00 -36.31
N ALA A 356 30.74 10.17 -36.19
CA ALA A 356 30.95 11.00 -35.02
C ALA A 356 30.46 10.27 -33.75
N ALA A 357 29.33 9.58 -33.85
CA ALA A 357 28.80 8.84 -32.69
C ALA A 357 29.75 7.72 -32.25
N GLU A 358 30.19 6.90 -33.20
CA GLU A 358 31.18 5.88 -32.94
C GLU A 358 32.45 6.46 -32.31
N GLN A 359 32.98 7.54 -32.87
CA GLN A 359 34.18 8.16 -32.28
C GLN A 359 33.94 8.71 -30.88
N LEU A 360 32.75 9.25 -30.63
CA LEU A 360 32.46 9.81 -29.31
C LEU A 360 32.51 8.75 -28.23
N LEU A 361 31.93 7.59 -28.51
CA LEU A 361 32.00 6.46 -27.58
C LEU A 361 33.46 6.08 -27.32
N ALA A 362 34.26 5.97 -28.38
CA ALA A 362 35.66 5.62 -28.22
C ALA A 362 36.36 6.63 -27.33
N ARG A 363 36.04 7.92 -27.53
CA ARG A 363 36.63 8.98 -26.72
C ARG A 363 36.17 8.96 -25.27
N TRP A 364 34.92 8.55 -25.05
CA TRP A 364 34.37 8.40 -23.71
C TRP A 364 35.13 7.29 -22.95
N VAL A 365 35.32 6.16 -23.62
CA VAL A 365 36.06 5.03 -23.06
C VAL A 365 37.49 5.44 -22.72
N ARG A 366 38.14 6.10 -23.68
CA ARG A 366 39.49 6.61 -23.51
C ARG A 366 39.59 7.58 -22.33
N PHE A 367 38.58 8.41 -22.15
CA PHE A 367 38.54 9.38 -21.06
C PHE A 367 38.64 8.68 -19.69
N GLY A 368 37.85 7.63 -19.49
CA GLY A 368 37.77 6.96 -18.20
C GLY A 368 39.02 6.16 -17.91
N ARG A 369 39.62 5.62 -18.96
CA ARG A 369 40.82 4.82 -18.84
C ARG A 369 42.03 5.69 -18.46
N GLN A 370 41.92 6.99 -18.75
CA GLN A 370 43.02 7.92 -18.50
C GLN A 370 42.79 8.82 -17.28
N ILE A 371 42.51 8.21 -16.13
CA ILE A 371 42.34 8.94 -14.89
C ILE A 371 42.98 8.20 -13.71
N PRO B 26 1.77 -18.43 -7.63
CA PRO B 26 1.55 -16.98 -7.50
C PRO B 26 2.81 -16.24 -7.09
N SER B 27 2.76 -14.92 -7.08
CA SER B 27 3.91 -14.12 -6.69
C SER B 27 3.45 -12.80 -6.13
N TRP B 28 4.30 -12.13 -5.35
CA TRP B 28 3.98 -10.79 -4.89
C TRP B 28 3.73 -9.79 -6.02
N PRO B 29 4.63 -9.71 -7.03
CA PRO B 29 4.37 -8.71 -8.08
C PRO B 29 3.06 -8.99 -8.80
N GLN B 30 2.69 -10.27 -8.94
CA GLN B 30 1.43 -10.63 -9.58
C GLN B 30 0.24 -10.17 -8.74
N ILE B 31 0.30 -10.47 -7.46
CA ILE B 31 -0.81 -10.13 -6.55
C ILE B 31 -0.91 -8.62 -6.27
N LEU B 32 0.21 -7.99 -5.93
CA LEU B 32 0.20 -6.55 -5.68
C LEU B 32 -0.15 -5.79 -6.94
N GLY B 33 0.34 -6.26 -8.08
CA GLY B 33 0.01 -5.63 -9.35
C GLY B 33 -1.47 -5.70 -9.66
N ARG B 34 -2.09 -6.83 -9.35
CA ARG B 34 -3.53 -6.98 -9.55
C ARG B 34 -4.29 -6.03 -8.63
N LEU B 35 -3.83 -5.91 -7.39
CA LEU B 35 -4.48 -5.02 -6.43
C LEU B 35 -4.31 -3.55 -6.81
N THR B 36 -3.10 -3.14 -7.22
CA THR B 36 -2.91 -1.73 -7.61
C THR B 36 -3.69 -1.40 -8.87
N ASP B 37 -4.02 -2.43 -9.65
CA ASP B 37 -4.86 -2.25 -10.83
C ASP B 37 -6.33 -2.23 -10.48
N ASN B 38 -6.61 -2.23 -9.18
CA ASN B 38 -7.96 -2.12 -8.65
C ASN B 38 -8.84 -3.31 -9.05
N ARG B 39 -8.23 -4.48 -9.20
CA ARG B 39 -8.96 -5.70 -9.54
C ARG B 39 -9.06 -6.65 -8.36
N ASP B 40 -10.22 -7.30 -8.23
CA ASP B 40 -10.39 -8.36 -7.24
C ASP B 40 -9.41 -9.48 -7.52
N LEU B 41 -8.96 -10.17 -6.47
CA LEU B 41 -8.00 -11.27 -6.65
C LEU B 41 -8.67 -12.53 -7.19
N ALA B 42 -7.90 -13.42 -7.82
CA ALA B 42 -8.42 -14.73 -8.23
C ALA B 42 -8.51 -15.63 -7.01
N ARG B 43 -9.37 -16.65 -7.05
CA ARG B 43 -9.49 -17.58 -5.94
C ARG B 43 -8.11 -18.08 -5.53
N GLY B 44 -7.84 -18.03 -4.23
CA GLY B 44 -6.64 -18.63 -3.69
C GLY B 44 -5.51 -17.64 -3.55
N GLN B 45 -5.61 -16.49 -4.23
CA GLN B 45 -4.50 -15.51 -4.20
C GLN B 45 -4.37 -14.81 -2.84
N ALA B 46 -5.49 -14.43 -2.23
CA ALA B 46 -5.43 -13.80 -0.92
C ALA B 46 -4.92 -14.81 0.07
N ALA B 47 -5.32 -16.08 -0.09
CA ALA B 47 -4.84 -17.13 0.79
C ALA B 47 -3.33 -17.29 0.67
N TRP B 48 -2.82 -17.39 -0.56
CA TRP B 48 -1.38 -17.52 -0.78
C TRP B 48 -0.63 -16.40 -0.08
N ALA B 49 -1.10 -15.18 -0.29
CA ALA B 49 -0.46 -14.02 0.34
C ALA B 49 -0.40 -14.14 1.86
N MET B 50 -1.56 -14.38 2.48
CA MET B 50 -1.60 -14.51 3.93
C MET B 50 -0.67 -15.64 4.41
N ASP B 51 -0.64 -16.74 3.65
CA ASP B 51 0.20 -17.88 4.04
C ASP B 51 1.69 -17.52 4.02
N GLN B 52 2.12 -16.75 3.02
CA GLN B 52 3.51 -16.24 3.02
C GLN B 52 3.77 -15.42 4.26
N ILE B 53 2.81 -14.58 4.61
CA ILE B 53 2.95 -13.67 5.75
C ILE B 53 3.06 -14.46 7.04
N MET B 54 2.22 -15.50 7.17
CA MET B 54 2.15 -16.30 8.38
C MET B 54 3.24 -17.37 8.48
N THR B 55 4.03 -17.53 7.42
CA THR B 55 5.12 -18.50 7.46
C THR B 55 6.48 -17.81 7.50
N GLY B 56 6.46 -16.53 7.83
CA GLY B 56 7.69 -15.73 7.93
C GLY B 56 8.39 -15.52 6.60
N ASN B 57 7.70 -15.78 5.50
CA ASN B 57 8.33 -15.69 4.18
C ASN B 57 8.08 -14.36 3.46
N ALA B 58 7.52 -13.37 4.17
CA ALA B 58 7.25 -12.07 3.56
C ALA B 58 8.07 -10.97 4.21
N ARG B 59 8.67 -10.11 3.41
CA ARG B 59 9.42 -8.98 3.92
C ARG B 59 8.44 -7.94 4.46
N PRO B 60 8.84 -7.17 5.48
CA PRO B 60 7.94 -6.14 6.02
C PRO B 60 7.36 -5.23 4.92
N ALA B 61 8.16 -4.85 3.93
CA ALA B 61 7.68 -4.05 2.82
C ALA B 61 6.55 -4.74 2.05
N GLN B 62 6.67 -6.06 1.88
CA GLN B 62 5.65 -6.84 1.19
C GLN B 62 4.37 -6.96 2.00
N ILE B 63 4.50 -7.27 3.29
CA ILE B 63 3.35 -7.26 4.19
C ILE B 63 2.64 -5.91 4.12
N ALA B 64 3.40 -4.81 4.22
CA ALA B 64 2.79 -3.50 4.23
C ALA B 64 2.12 -3.19 2.90
N ALA B 65 2.81 -3.52 1.80
CA ALA B 65 2.26 -3.25 0.48
C ALA B 65 0.91 -3.95 0.30
N PHE B 66 0.86 -5.20 0.74
CA PHE B 66 -0.35 -6.01 0.61
C PHE B 66 -1.47 -5.46 1.48
N ALA B 67 -1.13 -5.19 2.75
CA ALA B 67 -2.08 -4.61 3.70
C ALA B 67 -2.73 -3.35 3.12
N VAL B 68 -1.92 -2.46 2.55
CA VAL B 68 -2.46 -1.20 2.02
C VAL B 68 -3.24 -1.40 0.74
N ALA B 69 -2.68 -2.17 -0.19
CA ALA B 69 -3.33 -2.37 -1.49
C ALA B 69 -4.67 -3.09 -1.31
N MET B 70 -4.71 -4.06 -0.40
CA MET B 70 -5.92 -4.81 -0.13
C MET B 70 -6.97 -3.97 0.58
N THR B 71 -6.54 -2.89 1.22
CA THR B 71 -7.47 -1.96 1.86
C THR B 71 -8.04 -0.99 0.83
N MET B 72 -7.16 -0.43 0.00
CA MET B 72 -7.58 0.60 -0.94
C MET B 72 -8.36 0.06 -2.13
N LYS B 73 -8.08 -1.18 -2.53
CA LYS B 73 -8.83 -1.77 -3.63
C LYS B 73 -10.29 -1.96 -3.23
N ALA B 74 -10.50 -2.19 -1.92
CA ALA B 74 -11.77 -2.59 -1.28
C ALA B 74 -11.95 -4.10 -1.31
N PRO B 75 -11.68 -4.76 -0.18
CA PRO B 75 -11.65 -6.23 -0.07
C PRO B 75 -13.03 -6.84 -0.19
N THR B 76 -13.12 -8.03 -0.78
CA THR B 76 -14.39 -8.71 -0.89
C THR B 76 -14.52 -9.72 0.24
N ALA B 77 -15.75 -10.21 0.45
CA ALA B 77 -15.98 -11.26 1.44
C ALA B 77 -15.17 -12.51 1.14
N ASP B 78 -15.04 -12.87 -0.14
CA ASP B 78 -14.23 -14.03 -0.55
C ASP B 78 -12.78 -13.84 -0.13
N GLU B 79 -12.24 -12.64 -0.39
CA GLU B 79 -10.84 -12.34 -0.06
C GLU B 79 -10.57 -12.33 1.45
N VAL B 80 -11.41 -11.61 2.19
CA VAL B 80 -11.28 -11.57 3.64
C VAL B 80 -11.42 -12.95 4.28
N GLY B 81 -12.39 -13.73 3.79
CA GLY B 81 -12.55 -15.10 4.23
C GLY B 81 -11.31 -15.96 4.00
N GLU B 82 -10.59 -15.72 2.89
CA GLU B 82 -9.37 -16.47 2.62
C GLU B 82 -8.28 -16.11 3.60
N LEU B 83 -8.17 -14.82 3.91
CA LEU B 83 -7.19 -14.36 4.89
C LEU B 83 -7.46 -14.98 6.27
N ALA B 84 -8.71 -14.91 6.72
CA ALA B 84 -9.09 -15.46 8.02
C ALA B 84 -8.87 -16.97 8.01
N GLY B 85 -9.18 -17.60 6.89
CA GLY B 85 -9.03 -19.04 6.75
C GLY B 85 -7.60 -19.49 6.98
N VAL B 86 -6.67 -18.77 6.37
CA VAL B 86 -5.24 -19.09 6.50
C VAL B 86 -4.80 -18.94 7.94
N MET B 87 -5.20 -17.84 8.58
CA MET B 87 -4.85 -17.61 9.99
C MET B 87 -5.36 -18.73 10.87
N LEU B 88 -6.61 -19.14 10.67
CA LEU B 88 -7.17 -20.21 11.47
C LEU B 88 -6.55 -21.57 11.18
N SER B 89 -6.05 -21.76 9.96
CA SER B 89 -5.47 -23.05 9.61
C SER B 89 -4.09 -23.21 10.28
N HIS B 90 -3.53 -22.08 10.72
CA HIS B 90 -2.21 -22.06 11.37
C HIS B 90 -2.35 -21.99 12.88
N ALA B 91 -3.55 -21.61 13.34
CA ALA B 91 -3.75 -21.33 14.76
C ALA B 91 -3.76 -22.59 15.64
N HIS B 92 -3.41 -22.41 16.92
CA HIS B 92 -3.57 -23.47 17.89
C HIS B 92 -5.05 -23.65 18.15
N PRO B 93 -5.57 -24.88 18.04
CA PRO B 93 -6.99 -25.08 18.30
C PRO B 93 -7.25 -25.32 19.78
N LEU B 94 -8.51 -25.25 20.20
CA LEU B 94 -8.86 -25.69 21.54
C LEU B 94 -9.00 -27.19 21.45
N PRO B 95 -8.76 -27.90 22.57
CA PRO B 95 -8.91 -29.37 22.56
C PRO B 95 -10.31 -29.81 22.10
N ALA B 96 -10.40 -30.99 21.48
CA ALA B 96 -11.66 -31.49 20.94
C ALA B 96 -12.80 -31.51 21.97
N ASP B 97 -13.99 -31.12 21.54
CA ASP B 97 -15.19 -31.10 22.38
C ASP B 97 -15.05 -30.30 23.68
N THR B 98 -14.35 -29.16 23.62
CA THR B 98 -14.24 -28.31 24.80
C THR B 98 -14.96 -26.99 24.58
N VAL B 99 -15.31 -26.72 23.34
CA VAL B 99 -16.08 -25.53 23.03
C VAL B 99 -17.49 -25.96 22.69
N PRO B 100 -18.48 -25.53 23.50
CA PRO B 100 -19.88 -25.88 23.25
C PRO B 100 -20.35 -25.36 21.89
N ASP B 101 -21.24 -26.09 21.21
CA ASP B 101 -21.62 -25.73 19.85
C ASP B 101 -22.34 -24.38 19.77
N ASP B 102 -22.78 -23.88 20.92
CA ASP B 102 -23.52 -22.61 20.96
C ASP B 102 -22.76 -21.48 21.65
N ALA B 103 -21.43 -21.59 21.70
CA ALA B 103 -20.63 -20.53 22.29
C ALA B 103 -20.73 -19.27 21.44
N VAL B 104 -20.59 -18.12 22.08
CA VAL B 104 -20.67 -16.87 21.34
C VAL B 104 -19.44 -16.01 21.60
N ASP B 105 -19.23 -15.04 20.71
CA ASP B 105 -18.17 -14.05 20.84
C ASP B 105 -18.88 -12.70 20.97
N VAL B 106 -18.25 -11.74 21.64
CA VAL B 106 -18.80 -10.41 21.81
C VAL B 106 -17.61 -9.45 21.66
N VAL B 107 -17.60 -8.69 20.58
CA VAL B 107 -16.39 -7.93 20.25
C VAL B 107 -16.64 -6.90 19.15
N GLY B 108 -15.84 -5.83 19.15
CA GLY B 108 -15.81 -4.89 18.04
C GLY B 108 -14.45 -4.85 17.36
N THR B 109 -14.43 -4.48 16.08
CA THR B 109 -13.19 -4.35 15.31
C THR B 109 -12.40 -3.13 15.74
N GLY B 110 -13.07 -2.20 16.43
CA GLY B 110 -12.44 -0.97 16.87
C GLY B 110 -12.24 0.00 15.72
N ASN B 115 -12.22 2.91 21.12
CA ASN B 115 -12.66 1.56 21.43
C ASN B 115 -14.01 1.53 22.15
N THR B 116 -14.67 0.38 22.10
CA THR B 116 -15.80 0.10 22.98
C THR B 116 -15.50 -1.17 23.75
N VAL B 117 -14.22 -1.39 24.02
CA VAL B 117 -13.74 -2.51 24.84
C VAL B 117 -14.40 -2.49 26.22
N ASN B 118 -14.69 -1.29 26.73
CA ASN B 118 -15.45 -1.14 27.96
C ASN B 118 -16.81 -1.85 27.83
N LEU B 119 -17.49 -1.62 26.72
CA LEU B 119 -18.83 -2.17 26.50
C LEU B 119 -18.78 -3.66 26.22
N SER B 120 -17.90 -4.07 25.32
CA SER B 120 -17.88 -5.45 24.87
C SER B 120 -17.39 -6.35 25.98
N THR B 121 -16.42 -5.87 26.76
CA THR B 121 -15.97 -6.62 27.94
C THR B 121 -17.12 -6.89 28.90
N MET B 122 -17.87 -5.84 29.20
CA MET B 122 -18.98 -5.95 30.12
C MET B 122 -20.11 -6.80 29.56
N ALA B 123 -20.48 -6.55 28.31
CA ALA B 123 -21.54 -7.35 27.69
C ALA B 123 -21.16 -8.82 27.67
N ALA B 124 -19.88 -9.14 27.42
CA ALA B 124 -19.44 -10.54 27.43
C ALA B 124 -19.65 -11.20 28.80
N ILE B 125 -19.31 -10.50 29.87
CA ILE B 125 -19.49 -11.05 31.20
C ILE B 125 -20.96 -11.28 31.52
N VAL B 126 -21.78 -10.31 31.12
CA VAL B 126 -23.23 -10.37 31.31
C VAL B 126 -23.84 -11.55 30.56
N VAL B 127 -23.39 -11.74 29.33
CA VAL B 127 -23.88 -12.84 28.50
C VAL B 127 -23.50 -14.17 29.11
N ALA B 128 -22.26 -14.29 29.60
CA ALA B 128 -21.82 -15.53 30.23
C ALA B 128 -22.66 -15.80 31.47
N ALA B 129 -22.93 -14.76 32.24
CA ALA B 129 -23.65 -14.90 33.50
C ALA B 129 -25.08 -15.34 33.24
N ALA B 130 -25.59 -15.00 32.07
CA ALA B 130 -26.96 -15.40 31.72
C ALA B 130 -27.00 -16.86 31.30
N GLY B 131 -25.83 -17.49 31.14
CA GLY B 131 -25.79 -18.91 30.81
C GLY B 131 -25.41 -19.26 29.39
N VAL B 132 -25.03 -18.26 28.61
CA VAL B 132 -24.55 -18.49 27.25
C VAL B 132 -23.04 -18.52 27.28
N PRO B 133 -22.42 -19.65 26.90
CA PRO B 133 -20.95 -19.75 26.91
C PRO B 133 -20.33 -18.67 26.02
N VAL B 134 -19.28 -18.01 26.52
CA VAL B 134 -18.65 -16.94 25.79
C VAL B 134 -17.18 -17.26 25.66
N VAL B 135 -16.65 -17.22 24.45
CA VAL B 135 -15.22 -17.35 24.29
C VAL B 135 -14.74 -16.18 23.44
N LYS B 136 -13.95 -15.31 24.06
CA LYS B 136 -13.45 -14.11 23.39
C LYS B 136 -12.06 -14.33 22.83
N HIS B 137 -11.61 -13.36 22.04
CA HIS B 137 -10.32 -13.43 21.38
C HIS B 137 -9.82 -11.99 21.32
N GLY B 138 -8.60 -11.76 21.77
CA GLY B 138 -8.13 -10.38 21.78
C GLY B 138 -6.68 -10.19 22.15
N ASN B 139 -6.29 -8.93 22.23
CA ASN B 139 -4.88 -8.61 22.40
C ASN B 139 -4.74 -7.39 23.28
N ARG B 140 -3.53 -7.10 23.75
CA ARG B 140 -3.26 -5.83 24.40
C ARG B 140 -3.08 -4.75 23.32
N ALA B 141 -3.55 -3.54 23.60
CA ALA B 141 -3.25 -2.41 22.72
C ALA B 141 -2.16 -1.56 23.35
N GLY B 147 -7.05 -2.23 24.43
CA GLY B 147 -7.19 -3.60 23.95
C GLY B 147 -8.15 -4.37 24.82
N GLY B 148 -8.71 -5.46 24.28
CA GLY B 148 -9.63 -6.29 25.05
C GLY B 148 -8.90 -6.85 26.25
N ALA B 149 -7.68 -7.30 26.02
CA ALA B 149 -6.89 -7.97 27.05
C ALA B 149 -6.53 -7.08 28.25
N ASP B 150 -6.20 -5.81 27.97
CA ASP B 150 -5.75 -4.86 28.99
C ASP B 150 -6.77 -4.64 30.09
N THR B 151 -8.01 -4.38 29.68
CA THR B 151 -9.11 -4.17 30.60
C THR B 151 -9.32 -5.38 31.51
N LEU B 152 -9.24 -6.58 30.94
CA LEU B 152 -9.42 -7.81 31.69
C LEU B 152 -8.34 -8.04 32.74
N GLU B 153 -7.06 -7.92 32.38
CA GLU B 153 -6.03 -8.09 33.39
C GLU B 153 -6.03 -6.99 34.45
N ALA B 154 -6.56 -5.82 34.08
CA ALA B 154 -6.78 -4.76 35.06
C ALA B 154 -7.78 -5.21 36.14
N LEU B 155 -8.72 -6.08 35.74
CA LEU B 155 -9.73 -6.61 36.66
C LEU B 155 -9.24 -7.83 37.42
N GLY B 156 -7.99 -8.25 37.17
CA GLY B 156 -7.43 -9.39 37.87
C GLY B 156 -7.60 -10.70 37.15
N VAL B 157 -8.14 -10.65 35.94
CA VAL B 157 -8.29 -11.87 35.13
C VAL B 157 -6.97 -12.27 34.47
N ARG B 158 -6.66 -13.56 34.48
CA ARG B 158 -5.48 -14.07 33.77
C ARG B 158 -5.81 -14.30 32.30
N ILE B 159 -5.32 -13.41 31.44
CA ILE B 159 -5.69 -13.42 30.02
C ILE B 159 -4.82 -14.32 29.15
N ASP B 160 -3.59 -14.55 29.60
CA ASP B 160 -2.65 -15.32 28.81
C ASP B 160 -2.63 -16.78 29.24
N LEU B 161 -3.56 -17.57 28.69
CA LEU B 161 -3.71 -18.98 28.98
C LEU B 161 -3.63 -19.84 27.72
N GLY B 162 -3.04 -21.02 27.85
CA GLY B 162 -3.00 -21.96 26.74
C GLY B 162 -4.35 -22.61 26.49
N PRO B 163 -4.49 -23.32 25.36
CA PRO B 163 -5.75 -23.93 24.93
C PRO B 163 -6.37 -24.79 26.03
N ASP B 164 -5.56 -25.60 26.71
CA ASP B 164 -6.07 -26.48 27.77
C ASP B 164 -6.81 -25.71 28.85
N LEU B 165 -6.23 -24.59 29.29
CA LEU B 165 -6.82 -23.83 30.40
C LEU B 165 -7.94 -22.91 29.95
N VAL B 166 -7.87 -22.40 28.72
CA VAL B 166 -9.02 -21.68 28.18
C VAL B 166 -10.23 -22.63 28.15
N ALA B 167 -10.00 -23.87 27.73
CA ALA B 167 -11.05 -24.89 27.72
C ALA B 167 -11.61 -25.12 29.13
N ARG B 168 -10.73 -25.21 30.10
CA ARG B 168 -11.15 -25.42 31.47
C ARG B 168 -11.88 -24.19 31.99
N SER B 169 -11.42 -23.01 31.59
CA SER B 169 -12.08 -21.78 32.02
C SER B 169 -13.51 -21.76 31.50
N LEU B 170 -13.67 -22.06 30.22
CA LEU B 170 -14.99 -22.09 29.59
C LEU B 170 -15.94 -23.04 30.34
N ALA B 171 -15.43 -24.21 30.70
CA ALA B 171 -16.25 -25.23 31.38
C ALA B 171 -16.56 -24.85 32.82
N GLU B 172 -15.55 -24.36 33.54
CA GLU B 172 -15.70 -24.08 34.96
C GLU B 172 -16.35 -22.74 35.22
N VAL B 173 -15.99 -21.72 34.44
CA VAL B 173 -16.44 -20.35 34.70
C VAL B 173 -17.56 -19.92 33.76
N GLY B 174 -17.58 -20.48 32.55
CA GLY B 174 -18.59 -20.14 31.57
C GLY B 174 -18.10 -19.12 30.56
N ILE B 175 -16.83 -18.77 30.65
CA ILE B 175 -16.23 -17.80 29.75
C ILE B 175 -14.77 -18.12 29.61
N GLY B 176 -14.21 -17.87 28.42
CA GLY B 176 -12.79 -18.05 28.21
C GLY B 176 -12.28 -16.89 27.37
N PHE B 177 -10.98 -16.66 27.43
CA PHE B 177 -10.36 -15.61 26.62
C PHE B 177 -9.13 -16.17 25.93
N CYS B 178 -9.10 -16.10 24.60
CA CYS B 178 -7.96 -16.55 23.82
C CYS B 178 -7.03 -15.38 23.47
N PHE B 179 -5.83 -15.40 24.03
CA PHE B 179 -4.90 -14.29 23.86
C PHE B 179 -4.19 -14.47 22.53
N ALA B 180 -4.31 -13.49 21.65
CA ALA B 180 -3.89 -13.64 20.26
C ALA B 180 -2.44 -14.10 20.06
N PRO B 181 -1.48 -13.53 20.80
CA PRO B 181 -0.11 -14.00 20.62
C PRO B 181 0.11 -15.47 20.98
N ARG B 182 -0.76 -16.01 21.85
CA ARG B 182 -0.64 -17.38 22.33
C ARG B 182 -1.24 -18.38 21.34
N PHE B 183 -2.24 -17.92 20.60
CA PHE B 183 -2.95 -18.79 19.64
C PHE B 183 -2.56 -18.57 18.19
N HIS B 184 -2.04 -17.39 17.87
CA HIS B 184 -1.60 -17.08 16.52
C HIS B 184 -0.13 -16.64 16.49
N PRO B 185 0.79 -17.45 17.03
CA PRO B 185 2.16 -16.95 17.14
C PRO B 185 2.82 -16.60 15.80
N SER B 186 2.41 -17.27 14.72
CA SER B 186 2.92 -16.99 13.38
C SER B 186 2.51 -15.62 12.84
N TYR B 187 1.57 -14.96 13.52
CA TYR B 187 1.08 -13.65 13.11
C TYR B 187 2.03 -12.52 13.51
N ARG B 188 3.11 -12.83 14.22
CA ARG B 188 3.89 -11.74 14.83
C ARG B 188 4.48 -10.77 13.83
N HIS B 189 4.84 -11.27 12.65
CA HIS B 189 5.42 -10.42 11.63
C HIS B 189 4.41 -9.43 11.10
N ALA B 190 3.19 -9.89 10.84
CA ALA B 190 2.12 -8.98 10.46
C ALA B 190 1.81 -7.96 11.56
N ALA B 191 1.81 -8.41 12.82
CA ALA B 191 1.49 -7.54 13.95
C ALA B 191 2.42 -6.34 14.04
N ALA B 192 3.72 -6.60 13.86
CA ALA B 192 4.72 -5.55 13.98
C ALA B 192 4.52 -4.55 12.85
N VAL B 193 4.21 -5.04 11.67
CA VAL B 193 3.99 -4.17 10.51
C VAL B 193 2.75 -3.29 10.68
N ARG B 194 1.69 -3.83 11.26
CA ARG B 194 0.49 -3.03 11.52
C ARG B 194 0.78 -1.87 12.47
N ARG B 195 1.59 -2.13 13.49
CA ARG B 195 2.00 -1.09 14.43
C ARG B 195 2.79 -0.02 13.68
N GLU B 196 3.66 -0.47 12.79
CA GLU B 196 4.56 0.44 12.09
C GLU B 196 3.81 1.37 11.14
N ILE B 197 2.84 0.86 10.40
CA ILE B 197 2.10 1.77 9.51
C ILE B 197 1.01 2.56 10.22
N GLY B 198 0.48 2.00 11.31
CA GLY B 198 -0.30 2.77 12.26
C GLY B 198 -1.66 3.30 11.83
N VAL B 199 -2.11 2.91 10.65
CA VAL B 199 -3.45 3.26 10.19
C VAL B 199 -4.21 1.96 9.93
N PRO B 200 -5.53 2.00 10.10
CA PRO B 200 -6.34 0.78 9.91
C PRO B 200 -6.23 0.22 8.49
N THR B 201 -6.21 -1.10 8.40
CA THR B 201 -6.19 -1.78 7.09
C THR B 201 -7.17 -2.92 7.21
N VAL B 202 -7.26 -3.69 6.13
CA VAL B 202 -8.10 -4.88 6.11
C VAL B 202 -7.75 -5.82 7.27
N PHE B 203 -6.50 -5.78 7.75
CA PHE B 203 -6.10 -6.61 8.90
C PHE B 203 -6.88 -6.29 10.18
N ASN B 204 -7.41 -5.07 10.29
CA ASN B 204 -8.22 -4.70 11.47
C ASN B 204 -9.53 -5.46 11.52
N LEU B 205 -9.91 -6.07 10.39
CA LEU B 205 -11.18 -6.79 10.28
C LEU B 205 -11.09 -8.22 10.79
N LEU B 206 -9.87 -8.73 10.91
CA LEU B 206 -9.67 -10.17 11.08
C LEU B 206 -9.89 -10.73 12.50
N GLY B 207 -9.83 -9.87 13.51
CA GLY B 207 -10.00 -10.30 14.90
C GLY B 207 -11.23 -11.14 15.16
N PRO B 208 -12.42 -10.60 14.86
CA PRO B 208 -13.66 -11.34 15.12
C PRO B 208 -13.82 -12.54 14.20
N LEU B 209 -12.97 -12.62 13.17
CA LEU B 209 -13.08 -13.66 12.17
C LEU B 209 -12.03 -14.73 12.40
N THR B 210 -11.13 -14.51 13.37
CA THR B 210 -10.07 -15.49 13.62
C THR B 210 -10.02 -15.93 15.06
N ASN B 211 -11.18 -15.99 15.71
CA ASN B 211 -11.25 -16.50 17.06
C ASN B 211 -10.90 -17.99 17.01
N PRO B 212 -9.82 -18.38 17.70
CA PRO B 212 -9.32 -19.75 17.53
C PRO B 212 -10.25 -20.80 18.11
N ALA B 213 -11.19 -20.40 18.97
CA ALA B 213 -12.18 -21.32 19.53
C ALA B 213 -13.33 -21.53 18.55
N ARG B 214 -13.36 -20.69 17.51
CA ARG B 214 -14.34 -20.75 16.43
C ARG B 214 -15.81 -20.78 16.85
N PRO B 215 -16.22 -19.85 17.71
CA PRO B 215 -17.64 -19.85 18.09
C PRO B 215 -18.53 -19.55 16.89
N ARG B 216 -19.72 -20.16 16.87
CA ARG B 216 -20.60 -20.09 15.70
C ARG B 216 -21.60 -18.94 15.79
N ALA B 217 -21.57 -18.20 16.89
CA ALA B 217 -22.49 -17.09 17.08
C ALA B 217 -21.77 -15.91 17.67
N GLY B 218 -22.39 -14.73 17.57
CA GLY B 218 -21.79 -13.55 18.16
C GLY B 218 -22.46 -12.23 17.85
N LEU B 219 -22.09 -11.23 18.63
CA LEU B 219 -22.44 -9.84 18.37
C LEU B 219 -21.10 -9.24 18.01
N ILE B 220 -20.98 -8.79 16.77
CA ILE B 220 -19.70 -8.33 16.24
C ILE B 220 -19.84 -6.90 15.73
N GLY B 221 -19.11 -5.98 16.36
CA GLY B 221 -19.20 -4.58 15.98
C GLY B 221 -18.17 -4.25 14.91
N CYS B 222 -18.52 -3.29 14.05
CA CYS B 222 -17.59 -2.82 13.03
C CYS B 222 -17.65 -1.29 12.94
N ALA B 223 -16.49 -0.65 13.07
CA ALA B 223 -16.41 0.81 13.11
C ALA B 223 -16.58 1.44 11.72
N PHE B 224 -16.33 0.66 10.68
CA PHE B 224 -16.41 1.15 9.32
C PHE B 224 -17.56 0.45 8.60
N ALA B 225 -18.62 1.20 8.29
CA ALA B 225 -19.83 0.61 7.71
C ALA B 225 -19.61 -0.06 6.36
N ASP B 226 -18.60 0.42 5.62
CA ASP B 226 -18.24 -0.16 4.34
C ASP B 226 -17.92 -1.65 4.48
N LEU B 227 -17.21 -1.98 5.55
CA LEU B 227 -16.65 -3.31 5.75
C LEU B 227 -17.54 -4.22 6.60
N ALA B 228 -18.52 -3.62 7.28
CA ALA B 228 -19.46 -4.39 8.06
C ALA B 228 -20.19 -5.42 7.19
N GLU B 229 -20.63 -4.97 6.02
CA GLU B 229 -21.33 -5.83 5.07
C GLU B 229 -20.39 -6.94 4.59
N VAL B 230 -19.11 -6.61 4.43
CA VAL B 230 -18.11 -7.61 4.04
C VAL B 230 -17.94 -8.63 5.16
N MET B 231 -17.82 -8.16 6.39
CA MET B 231 -17.67 -9.08 7.53
C MET B 231 -18.88 -9.99 7.64
N ALA B 232 -20.07 -9.42 7.45
CA ALA B 232 -21.30 -10.20 7.52
C ALA B 232 -21.28 -11.30 6.47
N GLY B 233 -20.76 -10.99 5.29
CA GLY B 233 -20.63 -11.98 4.23
C GLY B 233 -19.70 -13.10 4.62
N VAL B 234 -18.61 -12.78 5.33
CA VAL B 234 -17.67 -13.79 5.75
C VAL B 234 -18.30 -14.75 6.76
N PHE B 235 -19.02 -14.19 7.73
CA PHE B 235 -19.73 -15.00 8.71
C PHE B 235 -20.83 -15.83 8.05
N ALA B 236 -21.49 -15.27 7.04
CA ALA B 236 -22.55 -16.01 6.35
C ALA B 236 -22.00 -17.24 5.64
N ALA B 237 -20.80 -17.12 5.07
CA ALA B 237 -20.16 -18.22 4.36
C ALA B 237 -19.89 -19.40 5.28
N ARG B 238 -19.55 -19.11 6.54
CA ARG B 238 -19.27 -20.17 7.50
C ARG B 238 -20.52 -20.50 8.30
N ARG B 239 -21.65 -19.96 7.83
CA ARG B 239 -22.98 -20.22 8.38
C ARG B 239 -23.07 -19.96 9.87
N SER B 240 -22.52 -18.83 10.29
CA SER B 240 -22.62 -18.41 11.68
C SER B 240 -23.96 -17.75 11.91
N SER B 241 -24.38 -17.70 13.16
CA SER B 241 -25.51 -16.85 13.55
C SER B 241 -24.97 -15.62 14.24
N VAL B 242 -24.79 -14.55 13.49
CA VAL B 242 -24.25 -13.33 14.08
C VAL B 242 -25.06 -12.08 13.78
N LEU B 243 -24.99 -11.12 14.69
CA LEU B 243 -25.41 -9.78 14.38
C LEU B 243 -24.15 -8.97 14.19
N VAL B 244 -23.91 -8.50 12.97
CA VAL B 244 -22.81 -7.58 12.72
C VAL B 244 -23.37 -6.19 12.86
N VAL B 245 -22.79 -5.41 13.77
CA VAL B 245 -23.45 -4.16 14.14
C VAL B 245 -22.61 -2.89 13.98
N HIS B 246 -23.29 -1.83 13.57
CA HIS B 246 -22.64 -0.55 13.33
C HIS B 246 -23.52 0.60 13.82
N GLY B 247 -23.03 1.31 14.84
CA GLY B 247 -23.75 2.49 15.31
C GLY B 247 -23.73 3.57 14.25
N ASP B 248 -24.89 4.12 13.91
CA ASP B 248 -24.97 5.16 12.89
C ASP B 248 -24.35 6.46 13.39
N ASP B 249 -23.77 6.40 14.58
CA ASP B 249 -22.94 7.45 15.12
C ASP B 249 -21.48 7.04 15.03
N GLY B 250 -21.23 5.86 14.45
CA GLY B 250 -19.88 5.38 14.22
C GLY B 250 -19.33 4.40 15.22
N LEU B 251 -20.07 4.12 16.28
CA LEU B 251 -19.64 3.16 17.29
C LEU B 251 -19.54 1.75 16.71
N ASP B 252 -18.54 0.97 17.14
CA ASP B 252 -18.44 -0.43 16.73
C ASP B 252 -19.17 -1.30 17.75
N GLU B 253 -20.38 -0.87 18.10
CA GLU B 253 -21.24 -1.56 19.04
C GLU B 253 -22.64 -0.99 18.85
N LEU B 254 -23.67 -1.69 19.31
CA LEU B 254 -25.01 -1.11 19.28
C LEU B 254 -25.00 0.13 20.12
N THR B 255 -25.45 1.24 19.53
CA THR B 255 -25.44 2.51 20.24
C THR B 255 -26.79 2.82 20.87
N THR B 256 -26.77 3.72 21.84
CA THR B 256 -27.99 4.25 22.42
C THR B 256 -28.08 5.74 22.04
N THR B 257 -27.00 6.23 21.42
CA THR B 257 -26.92 7.60 20.95
C THR B 257 -27.86 7.82 19.77
N THR B 258 -27.90 6.84 18.88
CA THR B 258 -28.63 6.96 17.64
C THR B 258 -29.21 5.61 17.28
N THR B 259 -29.66 5.47 16.03
CA THR B 259 -30.06 4.19 15.52
C THR B 259 -28.79 3.39 15.23
N SER B 260 -28.95 2.12 14.85
CA SER B 260 -27.82 1.32 14.44
C SER B 260 -28.18 0.54 13.18
N THR B 261 -27.18 0.20 12.38
CA THR B 261 -27.41 -0.72 11.28
C THR B 261 -27.00 -2.11 11.75
N ILE B 262 -27.89 -3.09 11.57
CA ILE B 262 -27.57 -4.47 11.90
C ILE B 262 -27.60 -5.30 10.63
N TRP B 263 -26.56 -6.09 10.43
CA TRP B 263 -26.58 -7.13 9.42
C TRP B 263 -26.85 -8.45 10.10
N ARG B 264 -28.08 -8.94 9.95
CA ARG B 264 -28.48 -10.16 10.63
C ARG B 264 -28.07 -11.38 9.82
N VAL B 265 -27.06 -12.10 10.31
CA VAL B 265 -26.59 -13.29 9.63
C VAL B 265 -27.18 -14.55 10.26
N ALA B 266 -27.94 -15.29 9.45
CA ALA B 266 -28.51 -16.55 9.87
C ALA B 266 -28.76 -17.40 8.63
N ALA B 267 -28.53 -18.71 8.73
CA ALA B 267 -28.73 -19.65 7.62
C ALA B 267 -28.05 -19.19 6.34
N GLY B 268 -26.77 -18.84 6.45
CA GLY B 268 -25.99 -18.40 5.30
C GLY B 268 -26.51 -17.14 4.63
N SER B 269 -27.50 -16.49 5.24
CA SER B 269 -28.12 -15.31 4.65
C SER B 269 -27.83 -14.04 5.45
N VAL B 270 -27.68 -12.93 4.74
CA VAL B 270 -27.52 -11.63 5.37
C VAL B 270 -28.81 -10.84 5.19
N ASP B 271 -29.07 -9.91 6.11
CA ASP B 271 -30.33 -9.21 6.20
C ASP B 271 -29.99 -7.87 6.84
N LYS B 272 -30.07 -6.78 6.08
CA LYS B 272 -29.70 -5.48 6.62
C LYS B 272 -30.90 -4.77 7.23
N LEU B 273 -30.76 -4.36 8.49
CA LEU B 273 -31.84 -3.74 9.26
C LEU B 273 -31.36 -2.48 9.95
N THR B 274 -32.25 -1.52 10.13
CA THR B 274 -31.94 -0.39 11.01
C THR B 274 -32.60 -0.67 12.36
N PHE B 275 -31.91 -0.32 13.44
CA PHE B 275 -32.30 -0.74 14.78
C PHE B 275 -32.37 0.46 15.71
N ASP B 276 -33.51 0.63 16.37
CA ASP B 276 -33.68 1.77 17.26
C ASP B 276 -33.98 1.29 18.68
N PRO B 277 -33.04 1.51 19.62
CA PRO B 277 -33.28 1.02 20.97
C PRO B 277 -34.36 1.83 21.69
N ALA B 278 -34.82 2.91 21.07
CA ALA B 278 -35.92 3.68 21.63
C ALA B 278 -37.19 2.83 21.68
N GLY B 279 -37.33 1.91 20.73
CA GLY B 279 -38.46 1.00 20.71
C GLY B 279 -38.47 0.02 21.87
N PHE B 280 -37.42 0.03 22.69
CA PHE B 280 -37.37 -0.81 23.88
C PHE B 280 -37.30 0.05 25.15
N GLY B 281 -37.48 1.36 24.98
CA GLY B 281 -37.54 2.27 26.12
C GLY B 281 -36.22 2.93 26.48
N PHE B 282 -35.17 2.68 25.70
CA PHE B 282 -33.89 3.29 25.99
C PHE B 282 -33.90 4.79 25.71
N ALA B 283 -33.56 5.56 26.73
CA ALA B 283 -33.40 7.00 26.57
C ALA B 283 -32.14 7.26 25.75
N ARG B 284 -32.17 8.33 24.97
CA ARG B 284 -31.03 8.72 24.15
C ARG B 284 -29.87 9.22 24.99
N ALA B 285 -28.69 8.67 24.73
CA ALA B 285 -27.45 9.17 25.33
C ALA B 285 -26.70 9.97 24.28
N GLN B 286 -25.55 10.50 24.66
CA GLN B 286 -24.65 11.16 23.71
C GLN B 286 -23.29 10.47 23.76
N LEU B 287 -22.65 10.31 22.59
CA LEU B 287 -21.43 9.51 22.44
C LEU B 287 -20.38 9.61 23.54
N ASP B 288 -20.05 10.83 23.97
CA ASP B 288 -18.98 11.03 24.95
C ASP B 288 -19.21 10.30 26.28
N GLN B 289 -20.41 9.75 26.47
CA GLN B 289 -20.72 8.94 27.63
C GLN B 289 -20.36 7.46 27.44
N LEU B 290 -20.11 7.05 26.19
CA LEU B 290 -20.06 5.62 25.87
C LEU B 290 -18.70 5.04 25.48
N ALA B 291 -17.85 5.86 24.85
CA ALA B 291 -16.56 5.36 24.33
C ALA B 291 -15.66 4.83 25.44
N GLY B 292 -14.83 3.85 25.11
CA GLY B 292 -13.89 3.33 26.08
C GLY B 292 -12.76 4.31 26.37
N GLY B 293 -12.05 4.07 27.46
CA GLY B 293 -10.85 4.81 27.80
C GLY B 293 -9.73 3.81 28.01
N ASP B 294 -8.79 4.12 28.89
CA ASP B 294 -7.70 3.19 29.18
C ASP B 294 -8.19 1.98 29.98
N ALA B 295 -7.30 1.01 30.19
CA ALA B 295 -7.66 -0.23 30.87
C ALA B 295 -8.07 -0.04 32.32
N GLN B 296 -7.35 0.79 33.07
CA GLN B 296 -7.69 1.03 34.48
C GLN B 296 -9.05 1.73 34.61
N ALA B 297 -9.32 2.68 33.70
CA ALA B 297 -10.62 3.35 33.69
C ALA B 297 -11.73 2.41 33.23
N ASN B 298 -11.45 1.60 32.21
CA ASN B 298 -12.40 0.58 31.78
C ASN B 298 -12.78 -0.36 32.92
N ALA B 299 -11.79 -0.81 33.68
CA ALA B 299 -12.00 -1.72 34.81
C ALA B 299 -12.91 -1.07 35.85
N ALA B 300 -12.70 0.22 36.08
CA ALA B 300 -13.54 0.95 37.03
C ALA B 300 -15.00 1.01 36.60
N ALA B 301 -15.24 1.30 35.32
CA ALA B 301 -16.62 1.36 34.83
C ALA B 301 -17.27 -0.02 34.89
N VAL B 302 -16.48 -1.06 34.60
CA VAL B 302 -16.98 -2.43 34.70
C VAL B 302 -17.51 -2.70 36.11
N ARG B 303 -16.69 -2.38 37.12
CA ARG B 303 -17.09 -2.59 38.50
C ARG B 303 -18.36 -1.82 38.85
N ALA B 304 -18.45 -0.59 38.34
CA ALA B 304 -19.62 0.25 38.59
C ALA B 304 -20.89 -0.38 38.03
N VAL B 305 -20.84 -0.72 36.74
CA VAL B 305 -22.00 -1.28 36.08
C VAL B 305 -22.40 -2.62 36.68
N LEU B 306 -21.42 -3.52 36.87
CA LEU B 306 -21.73 -4.85 37.39
C LEU B 306 -22.21 -4.74 38.83
N GLY B 307 -21.87 -3.62 39.48
CA GLY B 307 -22.30 -3.32 40.83
C GLY B 307 -23.70 -2.74 40.85
N GLY B 308 -24.23 -2.41 39.67
CA GLY B 308 -25.61 -1.95 39.56
C GLY B 308 -25.84 -0.49 39.23
N ALA B 309 -24.78 0.25 38.94
CA ALA B 309 -24.94 1.67 38.58
C ALA B 309 -25.77 1.80 37.31
N ARG B 310 -26.77 2.67 37.35
CA ARG B 310 -27.59 2.92 36.18
C ARG B 310 -26.93 4.00 35.35
N GLY B 311 -27.52 4.30 34.20
CA GLY B 311 -26.95 5.30 33.31
C GLY B 311 -26.78 4.78 31.90
N PRO B 312 -26.20 5.61 31.03
CA PRO B 312 -26.09 5.23 29.62
C PRO B 312 -25.13 4.07 29.39
N VAL B 313 -24.04 3.98 30.16
CA VAL B 313 -23.12 2.85 30.02
C VAL B 313 -23.81 1.52 30.28
N ARG B 314 -24.56 1.42 31.37
CA ARG B 314 -25.32 0.20 31.67
C ARG B 314 -26.25 -0.15 30.53
N ASP B 315 -26.99 0.83 30.01
CA ASP B 315 -27.96 0.60 28.96
C ASP B 315 -27.30 0.02 27.72
N ALA B 316 -26.13 0.54 27.40
CA ALA B 316 -25.41 0.09 26.21
C ALA B 316 -24.93 -1.35 26.41
N VAL B 317 -24.50 -1.65 27.63
CA VAL B 317 -24.07 -3.01 27.97
C VAL B 317 -25.24 -3.98 27.84
N VAL B 318 -26.37 -3.64 28.46
CA VAL B 318 -27.57 -4.45 28.37
C VAL B 318 -27.99 -4.65 26.92
N LEU B 319 -27.91 -3.60 26.12
CA LEU B 319 -28.32 -3.66 24.72
C LEU B 319 -27.43 -4.60 23.91
N ASN B 320 -26.11 -4.50 24.12
CA ASN B 320 -25.18 -5.33 23.35
C ASN B 320 -25.18 -6.76 23.85
N ALA B 321 -25.30 -6.93 25.16
CA ALA B 321 -25.46 -8.28 25.71
C ALA B 321 -26.71 -8.97 25.13
N ALA B 322 -27.83 -8.25 25.12
CA ALA B 322 -29.05 -8.83 24.53
C ALA B 322 -28.84 -9.23 23.07
N GLY B 323 -28.12 -8.38 22.35
CA GLY B 323 -27.79 -8.65 20.96
C GLY B 323 -27.09 -9.98 20.78
N ALA B 324 -26.09 -10.26 21.64
CA ALA B 324 -25.39 -11.54 21.59
C ALA B 324 -26.32 -12.71 21.91
N ILE B 325 -27.27 -12.49 22.80
CA ILE B 325 -28.26 -13.50 23.16
C ILE B 325 -29.20 -13.78 21.98
N VAL B 326 -29.61 -12.72 21.29
CA VAL B 326 -30.42 -12.86 20.08
C VAL B 326 -29.66 -13.64 18.99
N ALA B 327 -28.37 -13.35 18.87
CA ALA B 327 -27.55 -14.10 17.93
C ALA B 327 -27.43 -15.55 18.34
N HIS B 328 -27.30 -15.79 19.65
CA HIS B 328 -27.26 -17.14 20.19
C HIS B 328 -28.54 -17.88 19.87
N ALA B 329 -29.67 -17.20 20.06
CA ALA B 329 -30.97 -17.80 19.76
C ALA B 329 -31.07 -18.18 18.28
N GLY B 330 -30.42 -17.39 17.43
CA GLY B 330 -30.46 -17.59 15.99
C GLY B 330 -29.83 -18.89 15.52
N LEU B 331 -29.06 -19.54 16.39
CA LEU B 331 -28.46 -20.82 16.05
C LEU B 331 -29.53 -21.89 15.82
N SER B 332 -30.58 -21.84 16.62
CA SER B 332 -31.76 -22.70 16.42
C SER B 332 -32.99 -21.81 16.21
N SER B 333 -33.01 -21.13 15.07
CA SER B 333 -33.85 -19.95 14.86
C SER B 333 -35.36 -20.12 14.99
N ARG B 334 -35.91 -19.49 16.02
CA ARG B 334 -37.35 -19.33 16.16
C ARG B 334 -37.91 -18.66 14.90
N GLU B 336 -37.68 -15.39 16.31
CA GLU B 336 -38.58 -14.28 16.04
C GLU B 336 -38.03 -13.00 16.65
N TRP B 337 -37.83 -11.98 15.80
CA TRP B 337 -36.97 -10.82 16.10
C TRP B 337 -37.33 -10.03 17.38
N LEU B 338 -38.53 -9.46 17.45
CA LEU B 338 -38.90 -8.69 18.64
C LEU B 338 -39.01 -9.53 19.92
N PRO B 339 -39.68 -10.69 19.86
CA PRO B 339 -39.70 -11.55 21.06
C PRO B 339 -38.29 -11.91 21.55
N ALA B 340 -37.41 -12.28 20.63
CA ALA B 340 -36.04 -12.65 20.98
C ALA B 340 -35.33 -11.50 21.66
N TRP B 341 -35.55 -10.30 21.16
CA TRP B 341 -34.92 -9.12 21.74
C TRP B 341 -35.47 -8.86 23.14
N GLU B 342 -36.79 -8.99 23.30
CA GLU B 342 -37.40 -8.76 24.60
C GLU B 342 -36.93 -9.76 25.65
N GLU B 343 -36.75 -11.00 25.22
CA GLU B 343 -36.16 -12.02 26.08
C GLU B 343 -34.69 -11.70 26.36
N GLY B 344 -33.94 -11.40 25.29
CA GLY B 344 -32.54 -11.02 25.44
C GLY B 344 -32.35 -9.91 26.46
N LEU B 345 -33.15 -8.86 26.35
CA LEU B 345 -33.07 -7.73 27.28
C LEU B 345 -33.40 -8.11 28.75
N ARG B 346 -34.42 -8.94 28.96
CA ARG B 346 -34.76 -9.39 30.30
C ARG B 346 -33.61 -10.19 30.90
N ARG B 347 -33.01 -11.05 30.08
CA ARG B 347 -31.95 -11.92 30.55
C ARG B 347 -30.71 -11.15 30.93
N ALA B 348 -30.37 -10.16 30.12
CA ALA B 348 -29.17 -9.36 30.36
C ALA B 348 -29.39 -8.49 31.58
N SER B 349 -30.56 -7.88 31.66
CA SER B 349 -30.91 -7.06 32.83
C SER B 349 -30.84 -7.87 34.13
N ALA B 350 -31.45 -9.05 34.12
CA ALA B 350 -31.47 -9.88 35.32
C ALA B 350 -30.07 -10.36 35.68
N ALA B 351 -29.25 -10.66 34.68
CA ALA B 351 -27.90 -11.14 34.94
C ALA B 351 -27.13 -10.08 35.74
N ILE B 352 -27.36 -8.81 35.41
CA ILE B 352 -26.71 -7.75 36.18
C ILE B 352 -27.37 -7.60 37.53
N ASP B 353 -28.69 -7.40 37.52
CA ASP B 353 -29.45 -7.09 38.75
C ASP B 353 -29.41 -8.13 39.87
N THR B 354 -29.37 -9.41 39.50
CA THR B 354 -29.31 -10.48 40.50
C THR B 354 -27.91 -10.57 41.09
N GLY B 355 -26.95 -9.89 40.46
CA GLY B 355 -25.57 -10.01 40.89
C GLY B 355 -24.81 -11.13 40.20
N ALA B 356 -25.50 -11.86 39.32
CA ALA B 356 -24.85 -12.99 38.64
C ALA B 356 -23.63 -12.56 37.83
N ALA B 357 -23.73 -11.39 37.19
CA ALA B 357 -22.64 -10.90 36.33
C ALA B 357 -21.43 -10.55 37.19
N GLU B 358 -21.70 -9.84 38.28
CA GLU B 358 -20.65 -9.47 39.21
C GLU B 358 -19.99 -10.72 39.79
N GLN B 359 -20.80 -11.71 40.18
CA GLN B 359 -20.26 -12.95 40.74
C GLN B 359 -19.43 -13.72 39.72
N LEU B 360 -19.87 -13.72 38.46
CA LEU B 360 -19.14 -14.44 37.42
C LEU B 360 -17.74 -13.85 37.28
N LEU B 361 -17.65 -12.53 37.30
CA LEU B 361 -16.33 -11.89 37.18
C LEU B 361 -15.45 -12.29 38.38
N ALA B 362 -16.02 -12.26 39.56
CA ALA B 362 -15.30 -12.68 40.75
C ALA B 362 -14.80 -14.12 40.63
N ARG B 363 -15.64 -14.98 40.09
CA ARG B 363 -15.29 -16.39 39.91
C ARG B 363 -14.26 -16.61 38.80
N TRP B 364 -14.26 -15.71 37.81
CA TRP B 364 -13.32 -15.79 36.71
C TRP B 364 -11.93 -15.49 37.26
N VAL B 365 -11.89 -14.52 38.17
CA VAL B 365 -10.63 -14.11 38.79
C VAL B 365 -10.09 -15.25 39.65
N ARG B 366 -10.95 -15.82 40.49
CA ARG B 366 -10.54 -16.92 41.35
C ARG B 366 -10.00 -18.09 40.53
N PHE B 367 -10.60 -18.31 39.37
CA PHE B 367 -10.19 -19.42 38.52
C PHE B 367 -8.72 -19.30 38.15
N GLY B 368 -8.32 -18.10 37.74
CA GLY B 368 -6.98 -17.87 37.24
C GLY B 368 -5.93 -18.00 38.33
N ARG B 369 -6.34 -17.74 39.57
CA ARG B 369 -5.43 -17.80 40.71
C ARG B 369 -5.26 -19.23 41.22
N GLN B 370 -6.27 -20.06 41.01
CA GLN B 370 -6.28 -21.40 41.55
C GLN B 370 -5.79 -22.43 40.52
N ILE B 371 -5.63 -21.98 39.28
CA ILE B 371 -5.29 -22.88 38.18
C ILE B 371 -3.97 -23.62 38.38
#